data_3P1M
#
_entry.id   3P1M
#
_cell.length_a   76.576
_cell.length_b   76.576
_cell.length_c   234.410
_cell.angle_alpha   90.00
_cell.angle_beta   90.00
_cell.angle_gamma   120.00
#
_symmetry.space_group_name_H-M   'P 32'
#
loop_
_entity.id
_entity.type
_entity.pdbx_description
1 polymer 'Adrenodoxin, mitochondrial'
2 non-polymer 'FE2/S2 (INORGANIC) CLUSTER'
3 non-polymer 'CITRATE ANION'
4 non-polymer 'POTASSIUM ION'
5 non-polymer GLYCEROL
6 water water
#
_entity_poly.entity_id   1
_entity_poly.type   'polypeptide(L)'
_entity_poly.pdbx_seq_one_letter_code
;MSSSEDKITVHFINRDGETLTTKGKVGDSLLDVVVENNLDIDGFGACEGTLACSTCHLIFEDHIYEKLDAITDEENDMLD
LAYGLTDRSRLGCQICLTKSMDNMTVRVPETVADARQSIDVGKTSAENLYFQ
;
_entity_poly.pdbx_strand_id   A,B,C,D,E,F,G,H
#
loop_
_chem_comp.id
_chem_comp.type
_chem_comp.name
_chem_comp.formula
FES non-polymer 'FE2/S2 (INORGANIC) CLUSTER' 'Fe2 S2'
FLC non-polymer 'CITRATE ANION' 'C6 H5 O7 -3'
GOL non-polymer GLYCEROL 'C3 H8 O3'
K non-polymer 'POTASSIUM ION' 'K 1'
#
# COMPACT_ATOMS: atom_id res chain seq x y z
N LYS A 7 57.80 -30.82 19.18
CA LYS A 7 56.46 -31.03 18.56
C LYS A 7 55.46 -31.36 19.68
N ILE A 8 54.35 -30.68 19.72
CA ILE A 8 53.38 -30.92 20.79
C ILE A 8 52.12 -31.61 20.27
N THR A 9 51.47 -32.34 21.15
CA THR A 9 50.31 -33.12 20.80
C THR A 9 49.03 -32.34 21.10
N VAL A 10 48.12 -32.29 20.12
CA VAL A 10 46.78 -31.75 20.31
C VAL A 10 45.75 -32.73 19.83
N HIS A 11 44.67 -32.80 20.58
CA HIS A 11 43.53 -33.64 20.28
C HIS A 11 42.39 -32.74 19.82
N PHE A 12 41.85 -33.03 18.65
CA PHE A 12 40.66 -32.37 18.12
C PHE A 12 39.47 -33.29 18.16
N ILE A 13 38.40 -32.87 18.80
CA ILE A 13 37.15 -33.61 18.72
C ILE A 13 36.38 -33.07 17.52
N ASN A 14 36.23 -33.90 16.50
CA ASN A 14 35.60 -33.53 15.28
C ASN A 14 34.06 -33.40 15.45
N ARG A 15 33.41 -32.85 14.43
CA ARG A 15 31.94 -32.66 14.43
C ARG A 15 31.16 -33.98 14.54
N ASP A 16 31.76 -35.06 14.02
CA ASP A 16 31.26 -36.41 14.17
C ASP A 16 31.34 -36.99 15.58
N GLY A 17 32.18 -36.42 16.44
CA GLY A 17 32.30 -36.88 17.81
C GLY A 17 33.55 -37.68 18.04
N GLU A 18 34.38 -37.75 17.00
CA GLU A 18 35.56 -38.60 16.93
C GLU A 18 36.80 -37.82 17.32
N THR A 19 37.76 -38.44 18.01
CA THR A 19 38.98 -37.73 18.39
C THR A 19 40.07 -37.91 17.36
N LEU A 20 40.69 -36.81 16.95
CA LEU A 20 41.84 -36.87 16.06
C LEU A 20 43.01 -36.41 16.90
N THR A 21 44.11 -37.14 16.86
CA THR A 21 45.31 -36.77 17.59
C THR A 21 46.37 -36.44 16.59
N THR A 22 47.06 -35.34 16.79
CA THR A 22 48.07 -34.89 15.83
C THR A 22 49.13 -34.07 16.55
N LYS A 23 50.22 -33.76 15.86
CA LYS A 23 51.32 -33.01 16.45
C LYS A 23 51.62 -31.74 15.66
N GLY A 24 51.88 -30.65 16.40
CA GLY A 24 52.21 -29.33 15.82
C GLY A 24 53.49 -28.73 16.38
N LYS A 25 54.19 -27.96 15.55
CA LYS A 25 55.37 -27.22 16.00
C LYS A 25 54.93 -26.05 16.86
N VAL A 26 55.73 -25.66 17.86
CA VAL A 26 55.45 -24.45 18.61
C VAL A 26 55.35 -23.28 17.64
N GLY A 27 54.49 -22.33 17.97
CA GLY A 27 54.28 -21.14 17.15
C GLY A 27 53.27 -21.28 16.02
N ASP A 28 53.03 -22.50 15.57
CA ASP A 28 52.02 -22.71 14.56
C ASP A 28 50.67 -22.36 15.16
N SER A 29 49.79 -21.84 14.32
CA SER A 29 48.41 -21.65 14.68
C SER A 29 47.69 -23.00 14.61
N LEU A 30 46.49 -23.04 15.16
CA LEU A 30 45.75 -24.27 15.13
C LEU A 30 45.21 -24.48 13.74
N LEU A 31 44.92 -23.41 13.01
CA LEU A 31 44.64 -23.56 11.57
C LEU A 31 45.83 -24.22 10.92
N ASP A 32 47.01 -23.71 11.23
CA ASP A 32 48.24 -24.26 10.64
C ASP A 32 48.23 -25.77 10.83
N VAL A 33 48.06 -26.18 12.09
CA VAL A 33 48.03 -27.60 12.44
C VAL A 33 46.99 -28.39 11.62
N VAL A 34 45.75 -27.94 11.66
CA VAL A 34 44.68 -28.59 10.90
C VAL A 34 45.11 -28.80 9.45
N VAL A 35 45.56 -27.73 8.81
CA VAL A 35 45.89 -27.76 7.39
C VAL A 35 47.09 -28.65 7.11
N GLU A 36 48.24 -28.34 7.73
CA GLU A 36 49.48 -29.10 7.50
C GLU A 36 49.34 -30.62 7.72
N ASN A 37 48.48 -31.05 8.64
CA ASN A 37 48.24 -32.49 8.87
C ASN A 37 46.93 -33.05 8.23
N ASN A 38 46.30 -32.32 7.32
CA ASN A 38 45.15 -32.83 6.56
C ASN A 38 44.12 -33.51 7.44
N LEU A 39 43.69 -32.81 8.48
CA LEU A 39 42.67 -33.40 9.35
C LEU A 39 41.36 -33.26 8.63
N ASP A 40 40.60 -34.35 8.54
CA ASP A 40 39.33 -34.30 7.85
C ASP A 40 38.34 -33.49 8.71
N ILE A 41 38.35 -32.16 8.49
CA ILE A 41 37.38 -31.25 9.10
C ILE A 41 36.80 -30.42 7.96
N ASP A 42 35.54 -30.62 7.61
CA ASP A 42 34.99 -29.95 6.42
C ASP A 42 35.03 -28.41 6.55
N GLY A 43 35.64 -27.75 5.58
CA GLY A 43 35.47 -26.30 5.42
C GLY A 43 36.20 -25.38 6.39
N PHE A 44 37.11 -25.95 7.18
CA PHE A 44 37.75 -25.24 8.28
C PHE A 44 38.84 -24.30 7.75
N GLY A 45 38.71 -23.01 8.00
CA GLY A 45 39.70 -22.02 7.55
C GLY A 45 39.61 -21.55 6.10
N ALA A 46 38.40 -21.27 5.63
CA ALA A 46 38.16 -20.67 4.32
C ALA A 46 39.05 -19.47 3.95
N CYS A 47 39.20 -18.50 4.86
CA CYS A 47 39.93 -17.26 4.55
C CYS A 47 41.44 -17.39 4.68
N GLU A 48 41.90 -18.60 5.01
CA GLU A 48 43.31 -18.94 5.10
C GLU A 48 44.00 -18.09 6.19
N GLY A 49 43.23 -17.77 7.22
CA GLY A 49 43.78 -17.15 8.41
C GLY A 49 44.08 -15.69 8.20
N THR A 50 43.09 -14.96 7.68
CA THR A 50 43.23 -13.53 7.45
C THR A 50 42.09 -12.77 8.17
N LEU A 51 41.59 -13.36 9.25
CA LEU A 51 40.53 -12.77 10.05
C LEU A 51 39.48 -12.19 9.17
N ALA A 52 38.83 -13.09 8.46
CA ALA A 52 37.81 -12.74 7.53
C ALA A 52 36.77 -13.83 7.36
N CYS A 53 36.71 -14.79 8.26
CA CYS A 53 35.62 -15.76 8.27
C CYS A 53 35.46 -16.24 9.67
N SER A 54 34.54 -17.16 9.92
CA SER A 54 34.47 -17.71 11.26
C SER A 54 34.72 -19.20 11.28
N THR A 55 35.12 -19.74 10.14
CA THR A 55 35.21 -21.17 9.93
C THR A 55 36.27 -21.86 10.82
N CYS A 56 37.26 -21.11 11.34
CA CYS A 56 38.28 -21.69 12.20
C CYS A 56 37.90 -21.73 13.66
N HIS A 57 36.62 -21.60 13.94
CA HIS A 57 36.08 -21.57 15.27
C HIS A 57 36.40 -22.83 16.04
N LEU A 58 36.97 -22.71 17.25
CA LEU A 58 37.24 -23.90 18.05
C LEU A 58 36.84 -23.67 19.50
N ILE A 59 36.55 -24.74 20.21
CA ILE A 59 36.24 -24.66 21.64
C ILE A 59 37.37 -25.23 22.50
N PHE A 60 37.79 -24.47 23.50
CA PHE A 60 38.96 -24.83 24.27
C PHE A 60 38.59 -25.31 25.64
N GLU A 61 39.50 -26.03 26.29
CA GLU A 61 39.36 -26.39 27.69
C GLU A 61 39.44 -25.14 28.61
N ASP A 62 38.66 -25.15 29.69
CA ASP A 62 38.64 -24.04 30.64
C ASP A 62 40.00 -23.41 30.91
N HIS A 63 40.93 -24.20 31.40
CA HIS A 63 42.21 -23.67 31.82
C HIS A 63 43.06 -23.13 30.69
N ILE A 64 43.03 -23.76 29.53
CA ILE A 64 43.78 -23.26 28.41
C ILE A 64 43.18 -21.95 27.96
N TYR A 65 41.88 -21.92 27.83
CA TYR A 65 41.17 -20.74 27.35
C TYR A 65 41.53 -19.47 28.11
N GLU A 66 41.51 -19.57 29.43
CA GLU A 66 41.77 -18.45 30.31
C GLU A 66 43.06 -17.74 30.05
N LYS A 67 44.12 -18.47 29.67
CA LYS A 67 45.45 -17.88 29.49
C LYS A 67 45.83 -17.73 28.02
N LEU A 68 44.86 -17.75 27.12
CA LEU A 68 45.13 -17.49 25.70
C LEU A 68 45.45 -16.02 25.51
N ASP A 69 46.04 -15.65 24.39
CA ASP A 69 46.48 -14.28 24.20
C ASP A 69 45.25 -13.41 24.16
N ALA A 70 45.34 -12.21 24.67
CA ALA A 70 44.16 -11.34 24.73
C ALA A 70 43.56 -11.21 23.34
N ILE A 71 42.23 -11.37 23.23
CA ILE A 71 41.56 -11.22 21.97
C ILE A 71 41.59 -9.80 21.48
N THR A 72 41.88 -9.65 20.19
CA THR A 72 41.89 -8.34 19.54
C THR A 72 40.53 -7.97 19.02
N ASP A 73 40.37 -6.72 18.63
CA ASP A 73 39.09 -6.28 18.10
C ASP A 73 38.76 -6.97 16.79
N GLU A 74 39.80 -7.13 15.97
CA GLU A 74 39.74 -7.77 14.65
C GLU A 74 39.27 -9.22 14.80
N GLU A 75 39.82 -9.92 15.78
CA GLU A 75 39.40 -11.28 16.02
C GLU A 75 37.99 -11.28 16.55
N ASN A 76 37.73 -10.38 17.46
CA ASN A 76 36.42 -10.35 18.08
C ASN A 76 35.30 -10.01 17.10
N ASP A 77 35.55 -9.15 16.13
CA ASP A 77 34.53 -8.83 15.14
C ASP A 77 34.07 -10.06 14.36
N MET A 78 35.03 -10.93 14.02
CA MET A 78 34.72 -12.16 13.33
C MET A 78 34.25 -13.27 14.24
N LEU A 79 34.81 -13.38 15.43
CA LEU A 79 34.34 -14.38 16.36
C LEU A 79 32.87 -14.14 16.74
N ASP A 80 32.43 -12.87 16.75
CA ASP A 80 31.01 -12.59 16.94
C ASP A 80 30.17 -13.25 15.89
N LEU A 81 30.70 -13.45 14.69
CA LEU A 81 29.93 -14.04 13.63
C LEU A 81 30.00 -15.58 13.58
N ALA A 82 30.66 -16.21 14.57
CA ALA A 82 30.75 -17.65 14.63
C ALA A 82 29.39 -18.24 15.01
N TYR A 83 29.02 -19.38 14.43
CA TYR A 83 27.75 -20.02 14.71
C TYR A 83 27.90 -20.89 15.93
N GLY A 84 27.00 -20.71 16.88
CA GLY A 84 27.15 -21.31 18.20
C GLY A 84 28.32 -20.75 19.01
N LEU A 85 28.49 -19.44 19.08
CA LEU A 85 29.56 -18.90 19.88
C LEU A 85 29.44 -19.35 21.31
N THR A 86 30.56 -19.75 21.91
CA THR A 86 30.57 -20.19 23.29
C THR A 86 31.45 -19.31 24.12
N ASP A 87 31.35 -19.50 25.43
CA ASP A 87 32.14 -18.77 26.36
C ASP A 87 33.50 -19.41 26.49
N ARG A 88 33.79 -20.34 25.57
CA ARG A 88 35.11 -20.97 25.48
C ARG A 88 35.62 -20.99 24.06
N SER A 89 35.06 -20.10 23.23
CA SER A 89 35.35 -20.02 21.81
C SER A 89 36.42 -19.03 21.43
N ARG A 90 37.30 -19.43 20.51
CA ARG A 90 38.19 -18.52 19.82
C ARG A 90 38.38 -18.96 18.38
N LEU A 91 39.03 -18.10 17.60
CA LEU A 91 39.37 -18.38 16.24
C LEU A 91 40.74 -19.07 16.20
N GLY A 92 40.74 -20.31 15.77
CA GLY A 92 41.95 -21.11 15.71
C GLY A 92 43.11 -20.56 14.91
N CYS A 93 42.83 -19.78 13.88
CA CYS A 93 43.93 -19.22 13.08
C CYS A 93 44.75 -18.18 13.86
N GLN A 94 44.15 -17.61 14.90
CA GLN A 94 44.81 -16.64 15.81
C GLN A 94 45.37 -17.29 17.07
N ILE A 95 45.12 -18.58 17.32
CA ILE A 95 45.66 -19.20 18.54
C ILE A 95 46.92 -20.03 18.26
N CYS A 96 48.06 -19.55 18.73
CA CYS A 96 49.32 -20.23 18.47
C CYS A 96 49.73 -21.22 19.57
N LEU A 97 50.30 -22.34 19.13
CA LEU A 97 50.81 -23.37 20.02
C LEU A 97 51.95 -22.88 20.91
N THR A 98 51.87 -23.27 22.17
CA THR A 98 52.95 -23.07 23.12
C THR A 98 53.35 -24.44 23.70
N LYS A 99 54.56 -24.59 24.21
CA LYS A 99 54.93 -25.83 24.91
C LYS A 99 53.83 -26.25 25.91
N SER A 100 53.22 -25.29 26.60
CA SER A 100 52.28 -25.56 27.69
C SER A 100 50.96 -26.23 27.27
N MET A 101 50.66 -26.14 25.99
CA MET A 101 49.45 -26.69 25.44
C MET A 101 49.54 -28.20 25.10
N ASP A 102 50.73 -28.80 25.27
CA ASP A 102 50.94 -30.20 24.92
C ASP A 102 49.84 -31.07 25.52
N ASN A 103 49.24 -31.92 24.67
CA ASN A 103 48.19 -32.88 25.07
C ASN A 103 46.80 -32.30 25.40
N MET A 104 46.54 -31.05 25.02
CA MET A 104 45.23 -30.44 25.27
C MET A 104 44.23 -30.93 24.25
N THR A 105 42.96 -30.69 24.54
CA THR A 105 41.89 -31.08 23.66
C THR A 105 41.13 -29.84 23.26
N VAL A 106 40.68 -29.76 22.00
CA VAL A 106 39.80 -28.71 21.54
C VAL A 106 38.64 -29.38 20.82
N ARG A 107 37.47 -28.74 20.74
CA ARG A 107 36.39 -29.31 19.90
C ARG A 107 36.01 -28.44 18.69
N VAL A 108 35.72 -29.10 17.57
CA VAL A 108 35.21 -28.41 16.40
C VAL A 108 33.66 -28.35 16.47
N PRO A 109 33.13 -27.16 16.62
CA PRO A 109 31.68 -27.06 16.70
C PRO A 109 31.03 -27.18 15.33
N GLU A 110 29.76 -27.52 15.35
CA GLU A 110 28.99 -27.68 14.13
C GLU A 110 28.79 -26.34 13.47
N THR A 111 28.65 -26.39 12.16
CA THR A 111 28.39 -25.21 11.36
C THR A 111 26.88 -24.98 11.31
N VAL A 112 26.50 -23.80 10.83
CA VAL A 112 25.12 -23.45 10.64
C VAL A 112 24.43 -24.39 9.62
N ALA A 113 25.16 -24.85 8.61
CA ALA A 113 24.64 -25.80 7.62
C ALA A 113 24.35 -27.15 8.27
N ASP A 114 25.23 -27.59 9.16
CA ASP A 114 24.94 -28.82 9.92
C ASP A 114 23.65 -28.62 10.73
N ALA A 115 23.50 -27.48 11.38
CA ALA A 115 22.31 -27.21 12.21
C ALA A 115 21.00 -27.10 11.41
N ARG A 116 21.12 -26.78 10.13
CA ARG A 116 19.98 -26.37 9.32
C ARG A 116 19.09 -27.55 8.98
N GLN A 117 17.79 -27.34 9.19
CA GLN A 117 16.82 -28.35 8.76
C GLN A 117 16.09 -27.90 7.50
N SER A 118 15.87 -26.60 7.34
CA SER A 118 15.41 -26.12 6.03
C SER A 118 15.81 -24.67 5.69
N ILE A 119 15.83 -24.40 4.39
CA ILE A 119 16.03 -23.06 3.87
C ILE A 119 14.74 -22.29 4.05
N ASP A 120 14.86 -20.99 4.40
CA ASP A 120 13.69 -20.16 4.62
C ASP A 120 13.18 -19.52 3.33
N VAL A 121 11.93 -19.08 3.39
CA VAL A 121 11.33 -18.26 2.37
C VAL A 121 12.03 -16.91 2.33
N GLY A 122 12.50 -16.50 1.17
CA GLY A 122 13.13 -15.21 1.04
C GLY A 122 12.05 -14.16 0.82
N LYS A 123 12.23 -13.02 1.48
CA LYS A 123 11.33 -11.90 1.42
C LYS A 123 12.16 -10.62 1.36
N THR A 124 12.06 -9.82 0.30
CA THR A 124 12.70 -8.52 0.34
C THR A 124 12.03 -7.65 1.43
N SER A 125 10.72 -7.74 1.56
CA SER A 125 10.04 -7.17 2.72
C SER A 125 8.62 -7.65 2.94
N ALA A 126 8.11 -7.36 4.14
CA ALA A 126 6.80 -7.83 4.59
C ALA A 126 5.80 -6.70 4.69
N GLU A 127 4.54 -7.08 4.70
CA GLU A 127 3.45 -6.13 4.87
C GLU A 127 2.30 -6.79 5.63
N ASN A 128 1.61 -6.04 6.46
CA ASN A 128 0.37 -6.52 7.07
C ASN A 128 -0.76 -5.66 6.63
N LEU A 129 -1.19 -5.89 5.40
CA LEU A 129 -2.20 -5.04 4.78
C LEU A 129 -3.58 -5.18 5.46
N TYR A 130 -3.65 -6.01 6.49
CA TYR A 130 -4.80 -5.91 7.40
C TYR A 130 -5.01 -4.45 7.85
N PHE A 131 -3.91 -3.68 7.91
CA PHE A 131 -3.90 -2.23 8.26
C PHE A 131 -3.67 -1.17 7.13
N GLN A 132 -4.16 -1.44 5.92
CA GLN A 132 -4.08 -0.49 4.82
C GLN A 132 -5.11 0.58 5.04
N LYS B 7 -45.56 31.00 8.25
CA LYS B 7 -45.25 30.25 9.49
C LYS B 7 -43.94 30.73 10.17
N ILE B 8 -42.82 30.92 9.43
CA ILE B 8 -41.53 31.38 10.06
C ILE B 8 -40.90 32.68 9.51
N THR B 9 -40.08 33.32 10.33
CA THR B 9 -39.48 34.62 10.00
C THR B 9 -38.08 34.44 9.47
N VAL B 10 -37.81 35.08 8.34
CA VAL B 10 -36.49 35.10 7.76
C VAL B 10 -36.08 36.55 7.52
N HIS B 11 -34.86 36.86 7.94
CA HIS B 11 -34.25 38.16 7.66
C HIS B 11 -33.28 38.05 6.47
N PHE B 12 -33.40 38.97 5.52
CA PHE B 12 -32.47 39.08 4.42
C PHE B 12 -31.62 40.32 4.59
N ILE B 13 -30.33 40.19 4.39
CA ILE B 13 -29.48 41.35 4.21
C ILE B 13 -29.24 41.54 2.72
N ASN B 14 -29.70 42.65 2.19
CA ASN B 14 -29.61 42.93 0.77
C ASN B 14 -28.17 43.32 0.37
N ARG B 15 -27.94 43.38 -0.93
CA ARG B 15 -26.67 43.87 -1.46
C ARG B 15 -26.40 45.28 -0.98
N ASP B 16 -27.48 46.06 -0.86
CA ASP B 16 -27.49 47.45 -0.34
C ASP B 16 -27.02 47.55 1.12
N GLY B 17 -27.15 46.46 1.85
CA GLY B 17 -26.86 46.47 3.27
C GLY B 17 -28.12 46.67 4.08
N GLU B 18 -29.28 46.68 3.42
CA GLU B 18 -30.54 46.92 4.09
C GLU B 18 -31.18 45.61 4.49
N THR B 19 -31.75 45.55 5.69
CA THR B 19 -32.32 44.32 6.22
C THR B 19 -33.82 44.29 5.97
N LEU B 20 -34.28 43.23 5.31
CA LEU B 20 -35.70 43.03 5.04
C LEU B 20 -36.14 41.83 5.89
N THR B 21 -37.16 42.03 6.70
CA THR B 21 -37.71 40.93 7.50
C THR B 21 -39.02 40.50 6.90
N THR B 22 -39.17 39.21 6.66
CA THR B 22 -40.37 38.67 5.99
C THR B 22 -40.73 37.32 6.60
N LYS B 23 -41.84 36.77 6.17
CA LYS B 23 -42.38 35.55 6.75
C LYS B 23 -42.56 34.56 5.63
N GLY B 24 -42.13 33.32 5.84
CA GLY B 24 -42.31 32.27 4.84
C GLY B 24 -42.96 31.03 5.39
N LYS B 25 -43.59 30.26 4.51
CA LYS B 25 -44.20 28.99 4.91
C LYS B 25 -43.12 27.94 5.02
N VAL B 26 -43.23 27.09 6.02
CA VAL B 26 -42.36 25.91 6.13
C VAL B 26 -42.56 25.05 4.86
N GLY B 27 -41.47 24.60 4.26
CA GLY B 27 -41.55 23.83 3.02
C GLY B 27 -41.33 24.65 1.76
N ASP B 28 -41.45 25.97 1.85
CA ASP B 28 -41.17 26.84 0.70
C ASP B 28 -39.65 27.02 0.50
N SER B 29 -39.22 27.21 -0.75
CA SER B 29 -37.81 27.48 -1.02
C SER B 29 -37.56 28.95 -0.77
N LEU B 30 -36.32 29.31 -0.45
CA LEU B 30 -36.00 30.74 -0.21
C LEU B 30 -36.29 31.58 -1.45
N LEU B 31 -36.17 30.98 -2.64
CA LEU B 31 -36.59 31.68 -3.85
C LEU B 31 -38.07 32.01 -3.77
N ASP B 32 -38.89 31.00 -3.45
CA ASP B 32 -40.32 31.20 -3.29
C ASP B 32 -40.60 32.38 -2.36
N VAL B 33 -39.85 32.48 -1.27
CA VAL B 33 -40.05 33.52 -0.29
C VAL B 33 -39.79 34.88 -0.89
N VAL B 34 -38.67 35.01 -1.59
CA VAL B 34 -38.33 36.25 -2.28
C VAL B 34 -39.45 36.67 -3.26
N VAL B 35 -39.92 35.72 -4.05
CA VAL B 35 -40.87 36.02 -5.10
C VAL B 35 -42.29 36.24 -4.56
N GLU B 36 -42.75 35.32 -3.71
CA GLU B 36 -44.13 35.39 -3.18
C GLU B 36 -44.37 36.66 -2.34
N ASN B 37 -43.29 37.20 -1.76
CA ASN B 37 -43.39 38.41 -0.94
C ASN B 37 -42.84 39.68 -1.61
N ASN B 38 -42.49 39.57 -2.89
CA ASN B 38 -42.13 40.73 -3.71
C ASN B 38 -41.08 41.60 -3.03
N LEU B 39 -39.96 40.98 -2.66
CA LEU B 39 -38.85 41.67 -1.99
C LEU B 39 -37.97 42.39 -2.99
N ASP B 40 -37.33 43.47 -2.51
CA ASP B 40 -36.57 44.41 -3.37
C ASP B 40 -35.17 43.90 -3.75
N ILE B 41 -35.08 42.68 -4.33
CA ILE B 41 -33.81 42.11 -4.74
C ILE B 41 -33.76 41.91 -6.24
N ASP B 42 -32.95 42.73 -6.91
CA ASP B 42 -32.89 42.76 -8.36
C ASP B 42 -32.12 41.53 -8.86
N GLY B 43 -32.62 40.91 -9.92
CA GLY B 43 -31.88 39.86 -10.61
C GLY B 43 -31.93 38.47 -10.01
N PHE B 44 -32.49 38.37 -8.80
CA PHE B 44 -32.47 37.13 -8.03
C PHE B 44 -33.43 36.08 -8.59
N GLY B 45 -32.91 34.92 -8.97
CA GLY B 45 -33.76 33.81 -9.43
C GLY B 45 -34.13 33.86 -10.91
N ALA B 46 -33.16 34.16 -11.76
CA ALA B 46 -33.39 34.24 -13.22
C ALA B 46 -33.96 32.96 -13.84
N CYS B 47 -33.42 31.80 -13.47
CA CYS B 47 -33.86 30.53 -14.06
C CYS B 47 -35.15 29.99 -13.43
N GLU B 48 -35.72 30.76 -12.49
CA GLU B 48 -36.96 30.41 -11.80
C GLU B 48 -36.88 29.08 -11.06
N GLY B 49 -35.70 28.80 -10.52
CA GLY B 49 -35.50 27.63 -9.68
C GLY B 49 -35.39 26.31 -10.42
N THR B 50 -34.83 26.33 -11.63
CA THR B 50 -34.57 25.10 -12.38
C THR B 50 -33.08 24.73 -12.43
N LEU B 51 -32.32 25.20 -11.45
CA LEU B 51 -30.88 24.89 -11.34
C LEU B 51 -30.11 25.16 -12.62
N ALA B 52 -30.32 26.33 -13.20
CA ALA B 52 -29.67 26.69 -14.42
C ALA B 52 -29.03 28.06 -14.37
N CYS B 53 -29.13 28.76 -13.25
CA CYS B 53 -28.39 30.01 -13.07
C CYS B 53 -27.65 29.96 -11.75
N SER B 54 -26.97 31.05 -11.40
CA SER B 54 -26.37 31.13 -10.07
C SER B 54 -26.87 32.33 -9.32
N THR B 55 -28.03 32.84 -9.70
CA THR B 55 -28.49 34.15 -9.23
C THR B 55 -29.24 34.07 -7.90
N CYS B 56 -29.68 32.87 -7.52
CA CYS B 56 -30.30 32.62 -6.22
C CYS B 56 -29.27 32.41 -5.10
N HIS B 57 -28.00 32.66 -5.39
CA HIS B 57 -26.93 32.51 -4.42
C HIS B 57 -27.27 33.25 -3.14
N LEU B 58 -27.15 32.55 -2.01
CA LEU B 58 -27.30 33.13 -0.66
C LEU B 58 -26.20 32.64 0.28
N ILE B 59 -25.90 33.44 1.28
CA ILE B 59 -24.94 33.06 2.30
C ILE B 59 -25.70 32.83 3.59
N PHE B 60 -25.36 31.75 4.29
CA PHE B 60 -26.11 31.31 5.46
C PHE B 60 -25.29 31.45 6.76
N GLU B 61 -26.02 31.49 7.87
CA GLU B 61 -25.41 31.44 9.19
C GLU B 61 -24.77 30.07 9.44
N ASP B 62 -23.66 30.06 10.16
CA ASP B 62 -22.94 28.83 10.51
C ASP B 62 -23.88 27.68 10.84
N HIS B 63 -24.66 27.85 11.92
CA HIS B 63 -25.43 26.74 12.47
C HIS B 63 -26.58 26.29 11.59
N ILE B 64 -27.04 27.16 10.70
CA ILE B 64 -28.07 26.77 9.71
C ILE B 64 -27.43 25.96 8.57
N TYR B 65 -26.31 26.46 8.07
CA TYR B 65 -25.56 25.87 6.94
C TYR B 65 -25.20 24.42 7.21
N GLU B 66 -24.67 24.20 8.40
CA GLU B 66 -24.35 22.88 8.92
C GLU B 66 -25.48 21.85 8.79
N LYS B 67 -26.73 22.31 8.85
CA LYS B 67 -27.88 21.41 8.93
C LYS B 67 -28.59 21.21 7.61
N LEU B 68 -28.12 21.87 6.57
CA LEU B 68 -28.83 21.85 5.31
C LEU B 68 -28.67 20.51 4.61
N ASP B 69 -29.65 20.16 3.76
CA ASP B 69 -29.60 18.90 3.03
C ASP B 69 -28.30 18.84 2.23
N ALA B 70 -27.68 17.68 2.18
CA ALA B 70 -26.44 17.48 1.42
C ALA B 70 -26.63 18.04 0.01
N ILE B 71 -25.61 18.73 -0.48
CA ILE B 71 -25.69 19.36 -1.79
C ILE B 71 -25.59 18.36 -2.95
N THR B 72 -26.54 18.41 -3.88
CA THR B 72 -26.53 17.48 -5.01
C THR B 72 -25.48 17.90 -6.04
N ASP B 73 -25.12 16.98 -6.92
CA ASP B 73 -24.18 17.27 -8.00
C ASP B 73 -24.70 18.39 -8.88
N GLU B 74 -25.97 18.29 -9.26
CA GLU B 74 -26.64 19.33 -10.01
C GLU B 74 -26.43 20.70 -9.37
N GLU B 75 -26.84 20.86 -8.10
CA GLU B 75 -26.65 22.17 -7.45
C GLU B 75 -25.19 22.59 -7.48
N ASN B 76 -24.28 21.66 -7.22
CA ASN B 76 -22.88 21.99 -7.10
C ASN B 76 -22.30 22.55 -8.40
N ASP B 77 -22.77 22.01 -9.52
CA ASP B 77 -22.37 22.51 -10.84
C ASP B 77 -22.68 23.98 -11.02
N MET B 78 -23.89 24.38 -10.65
CA MET B 78 -24.30 25.79 -10.76
C MET B 78 -23.67 26.64 -9.67
N LEU B 79 -23.50 26.06 -8.47
CA LEU B 79 -22.92 26.79 -7.34
C LEU B 79 -21.46 27.13 -7.62
N ASP B 80 -20.75 26.28 -8.33
CA ASP B 80 -19.39 26.62 -8.70
C ASP B 80 -19.33 27.94 -9.47
N LEU B 81 -20.38 28.23 -10.23
CA LEU B 81 -20.39 29.41 -11.07
C LEU B 81 -20.93 30.65 -10.34
N ALA B 82 -21.24 30.52 -9.06
CA ALA B 82 -21.68 31.68 -8.29
C ALA B 82 -20.51 32.64 -8.15
N TYR B 83 -20.76 33.94 -8.40
CA TYR B 83 -19.75 34.92 -8.19
C TYR B 83 -19.60 35.19 -6.70
N GLY B 84 -18.36 35.16 -6.24
CA GLY B 84 -18.05 35.35 -4.83
C GLY B 84 -18.47 34.19 -3.96
N LEU B 85 -18.29 32.98 -4.47
CA LEU B 85 -18.61 31.75 -3.72
C LEU B 85 -17.89 31.72 -2.38
N THR B 86 -18.63 31.37 -1.34
CA THR B 86 -18.10 31.27 0.01
C THR B 86 -18.34 29.90 0.58
N ASP B 87 -17.66 29.59 1.69
CA ASP B 87 -17.87 28.33 2.41
C ASP B 87 -19.16 28.33 3.25
N ARG B 88 -20.06 29.26 3.01
CA ARG B 88 -21.41 29.18 3.59
C ARG B 88 -22.48 29.43 2.51
N SER B 89 -22.08 29.33 1.25
CA SER B 89 -22.95 29.59 0.14
C SER B 89 -23.81 28.40 -0.25
N ARG B 90 -25.06 28.65 -0.59
CA ARG B 90 -25.93 27.68 -1.25
C ARG B 90 -26.84 28.41 -2.20
N LEU B 91 -27.49 27.67 -3.09
CA LEU B 91 -28.39 28.25 -4.04
C LEU B 91 -29.73 28.25 -3.39
N GLY B 92 -30.24 29.44 -3.06
CA GLY B 92 -31.39 29.63 -2.19
C GLY B 92 -32.63 28.91 -2.63
N CYS B 93 -32.63 28.53 -3.88
CA CYS B 93 -33.82 27.95 -4.47
C CYS B 93 -33.88 26.44 -4.31
N GLN B 94 -32.79 25.86 -3.82
CA GLN B 94 -32.77 24.46 -3.42
C GLN B 94 -32.98 24.28 -1.91
N ILE B 95 -32.92 25.39 -1.18
CA ILE B 95 -33.00 25.38 0.27
C ILE B 95 -34.42 25.68 0.75
N CYS B 96 -35.02 24.69 1.40
CA CYS B 96 -36.38 24.77 1.87
C CYS B 96 -36.42 25.10 3.35
N LEU B 97 -37.39 25.95 3.73
CA LEU B 97 -37.55 26.38 5.09
C LEU B 97 -37.97 25.24 5.98
N THR B 98 -37.25 25.09 7.10
CA THR B 98 -37.63 24.19 8.18
C THR B 98 -37.93 25.00 9.43
N LYS B 99 -38.68 24.41 10.36
CA LYS B 99 -39.09 25.08 11.59
C LYS B 99 -37.89 25.65 12.36
N SER B 100 -36.76 24.98 12.29
CA SER B 100 -35.58 25.44 13.02
C SER B 100 -34.93 26.69 12.42
N MET B 101 -35.38 27.11 11.22
CA MET B 101 -34.82 28.30 10.56
C MET B 101 -35.44 29.62 11.00
N ASP B 102 -36.44 29.57 11.88
CA ASP B 102 -37.11 30.78 12.34
C ASP B 102 -36.08 31.83 12.86
N ASN B 103 -36.21 33.06 12.36
CA ASN B 103 -35.32 34.18 12.68
C ASN B 103 -33.87 34.05 12.21
N MET B 104 -33.60 33.17 11.26
CA MET B 104 -32.28 33.16 10.65
C MET B 104 -32.09 34.39 9.76
N THR B 105 -30.83 34.69 9.50
CA THR B 105 -30.46 35.76 8.59
C THR B 105 -29.64 35.18 7.42
N VAL B 106 -30.05 35.47 6.19
CA VAL B 106 -29.30 35.10 5.03
C VAL B 106 -28.86 36.39 4.35
N ARG B 107 -27.69 36.38 3.73
CA ARG B 107 -27.21 37.57 3.04
C ARG B 107 -27.22 37.34 1.52
N VAL B 108 -27.69 38.35 0.79
CA VAL B 108 -27.60 38.36 -0.67
C VAL B 108 -26.23 38.96 -1.03
N PRO B 109 -25.35 38.17 -1.66
CA PRO B 109 -24.01 38.64 -2.00
C PRO B 109 -24.01 39.45 -3.29
N GLU B 110 -22.98 40.27 -3.47
CA GLU B 110 -22.88 41.12 -4.63
C GLU B 110 -22.68 40.29 -5.91
N THR B 111 -23.16 40.79 -7.04
CA THR B 111 -23.02 40.13 -8.31
C THR B 111 -21.75 40.56 -8.99
N VAL B 112 -21.39 39.86 -10.04
CA VAL B 112 -20.21 40.20 -10.81
C VAL B 112 -20.35 41.59 -11.41
N ALA B 113 -21.57 41.93 -11.83
CA ALA B 113 -21.89 43.26 -12.35
C ALA B 113 -21.61 44.34 -11.33
N ASP B 114 -22.07 44.10 -10.11
CA ASP B 114 -21.94 45.07 -9.05
C ASP B 114 -20.45 45.39 -8.83
N ALA B 115 -19.59 44.38 -8.98
CA ALA B 115 -18.17 44.49 -8.61
C ALA B 115 -17.34 45.03 -9.76
N ARG B 116 -17.91 45.01 -10.95
CA ARG B 116 -17.20 45.39 -12.14
C ARG B 116 -16.95 46.89 -12.22
N GLN B 117 -15.74 47.25 -12.61
CA GLN B 117 -15.33 48.65 -12.71
C GLN B 117 -15.20 49.07 -14.15
N SER B 118 -14.66 48.18 -14.95
CA SER B 118 -14.69 48.34 -16.38
C SER B 118 -14.86 47.01 -17.10
N ILE B 119 -15.39 47.10 -18.30
CA ILE B 119 -15.52 45.98 -19.23
C ILE B 119 -14.14 45.66 -19.83
N ASP B 120 -13.94 44.43 -20.30
CA ASP B 120 -12.64 44.00 -20.84
C ASP B 120 -12.55 44.15 -22.36
N VAL B 121 -11.34 44.42 -22.84
CA VAL B 121 -11.06 44.41 -24.30
C VAL B 121 -11.22 42.98 -24.74
N GLY B 122 -12.13 42.72 -25.64
CA GLY B 122 -12.33 41.35 -26.12
C GLY B 122 -11.35 41.01 -27.22
N LYS B 123 -10.63 39.90 -27.10
CA LYS B 123 -9.83 39.37 -28.21
C LYS B 123 -10.08 37.87 -28.41
N THR B 124 -9.89 37.39 -29.63
CA THR B 124 -9.95 35.98 -29.90
C THR B 124 -8.54 35.38 -29.83
N SER B 125 -7.53 36.02 -30.44
CA SER B 125 -6.16 35.52 -30.38
C SER B 125 -5.19 36.36 -29.54
N ALA B 126 -4.30 35.65 -28.86
CA ALA B 126 -2.97 36.16 -28.47
C ALA B 126 -2.18 36.91 -29.59
N GLU B 127 -2.09 36.32 -30.77
CA GLU B 127 -1.13 36.80 -31.76
C GLU B 127 -1.59 38.03 -32.57
N ASN B 128 -0.61 38.71 -33.17
CA ASN B 128 -0.85 39.63 -34.26
C ASN B 128 -1.60 39.00 -35.41
N LEU B 129 -2.29 39.83 -36.16
CA LEU B 129 -2.93 39.35 -37.34
C LEU B 129 -1.87 38.80 -38.29
N TYR B 130 -0.74 39.48 -38.39
CA TYR B 130 0.31 39.05 -39.29
C TYR B 130 0.68 37.57 -39.11
N PHE B 131 0.83 37.18 -37.86
CA PHE B 131 1.29 35.86 -37.50
C PHE B 131 0.25 34.76 -37.62
N GLN B 132 -1.01 35.10 -37.33
CA GLN B 132 -2.08 34.12 -37.43
C GLN B 132 -2.03 33.34 -38.72
N ASP C 6 -17.58 -9.62 8.11
CA ASP C 6 -16.15 -10.04 7.92
C ASP C 6 -15.79 -10.44 6.46
N LYS C 7 -15.69 -9.43 5.56
CA LYS C 7 -15.36 -9.62 4.11
C LYS C 7 -13.98 -9.00 3.74
N ILE C 8 -13.08 -9.82 3.27
CA ILE C 8 -11.75 -9.33 2.91
C ILE C 8 -11.54 -9.21 1.40
N THR C 9 -10.60 -8.35 1.02
CA THR C 9 -10.31 -8.09 -0.39
C THR C 9 -9.09 -8.91 -0.87
N VAL C 10 -9.22 -9.49 -2.05
CA VAL C 10 -8.13 -10.22 -2.66
C VAL C 10 -8.06 -9.83 -4.09
N HIS C 11 -6.85 -9.63 -4.58
CA HIS C 11 -6.61 -9.30 -5.95
C HIS C 11 -6.07 -10.55 -6.62
N PHE C 12 -6.66 -10.92 -7.76
CA PHE C 12 -6.16 -11.99 -8.60
C PHE C 12 -5.61 -11.42 -9.89
N ILE C 13 -4.36 -11.75 -10.22
CA ILE C 13 -3.78 -11.40 -11.50
C ILE C 13 -4.02 -12.56 -12.46
N ASN C 14 -4.87 -12.32 -13.45
CA ASN C 14 -5.31 -13.32 -14.34
C ASN C 14 -4.22 -13.71 -15.31
N ARG C 15 -4.47 -14.81 -16.01
CA ARG C 15 -3.58 -15.29 -17.07
C ARG C 15 -3.29 -14.23 -18.13
N ASP C 16 -4.28 -13.37 -18.40
CA ASP C 16 -4.13 -12.23 -19.33
C ASP C 16 -3.17 -11.13 -18.86
N GLY C 17 -2.96 -11.01 -17.55
CA GLY C 17 -2.13 -9.96 -16.97
C GLY C 17 -2.94 -8.89 -16.26
N GLU C 18 -4.23 -9.17 -16.11
CA GLU C 18 -5.21 -8.20 -15.69
C GLU C 18 -5.55 -8.45 -14.23
N THR C 19 -5.67 -7.40 -13.42
CA THR C 19 -6.03 -7.58 -12.03
C THR C 19 -7.52 -7.64 -11.82
N LEU C 20 -8.01 -8.71 -11.23
CA LEU C 20 -9.40 -8.78 -10.79
C LEU C 20 -9.41 -8.55 -9.28
N THR C 21 -10.27 -7.63 -8.81
CA THR C 21 -10.40 -7.38 -7.38
C THR C 21 -11.76 -7.86 -6.93
N THR C 22 -11.80 -8.65 -5.86
CA THR C 22 -13.05 -9.18 -5.35
C THR C 22 -13.03 -9.31 -3.84
N LYS C 23 -14.10 -9.85 -3.27
CA LYS C 23 -14.22 -9.99 -1.83
C LYS C 23 -14.72 -11.38 -1.45
N GLY C 24 -14.04 -11.99 -0.47
CA GLY C 24 -14.45 -13.27 0.08
C GLY C 24 -14.71 -13.20 1.57
N LYS C 25 -15.52 -14.13 2.07
CA LYS C 25 -15.81 -14.23 3.50
C LYS C 25 -14.63 -14.94 4.15
N VAL C 26 -14.37 -14.73 5.44
CA VAL C 26 -13.31 -15.50 6.08
C VAL C 26 -13.76 -16.96 6.09
N GLY C 27 -12.83 -17.90 5.91
CA GLY C 27 -13.14 -19.34 5.97
C GLY C 27 -13.41 -19.95 4.60
N ASP C 28 -13.76 -19.09 3.64
CA ASP C 28 -13.85 -19.50 2.26
C ASP C 28 -12.43 -19.86 1.76
N SER C 29 -12.37 -20.86 0.90
CA SER C 29 -11.16 -21.19 0.18
C SER C 29 -11.04 -20.22 -0.96
N LEU C 30 -9.89 -20.17 -1.61
CA LEU C 30 -9.78 -19.29 -2.74
C LEU C 30 -10.57 -19.83 -3.93
N LEU C 31 -10.79 -21.15 -4.01
CA LEU C 31 -11.72 -21.70 -5.03
C LEU C 31 -13.08 -21.10 -4.79
N ASP C 32 -13.51 -21.13 -3.52
CA ASP C 32 -14.82 -20.60 -3.16
C ASP C 32 -15.03 -19.19 -3.73
N VAL C 33 -14.04 -18.34 -3.46
CA VAL C 33 -14.03 -16.95 -3.90
C VAL C 33 -14.17 -16.86 -5.41
N VAL C 34 -13.25 -17.49 -6.12
CA VAL C 34 -13.25 -17.50 -7.57
C VAL C 34 -14.62 -17.87 -8.12
N VAL C 35 -15.16 -18.97 -7.61
CA VAL C 35 -16.43 -19.50 -8.08
C VAL C 35 -17.62 -18.63 -7.72
N GLU C 36 -17.73 -18.25 -6.44
CA GLU C 36 -18.88 -17.47 -5.96
C GLU C 36 -18.98 -16.10 -6.63
N ASN C 37 -17.84 -15.48 -6.95
CA ASN C 37 -17.83 -14.19 -7.64
C ASN C 37 -17.59 -14.23 -9.18
N ASN C 38 -17.77 -15.41 -9.79
CA ASN C 38 -17.76 -15.52 -11.26
C ASN C 38 -16.60 -14.81 -11.92
N LEU C 39 -15.40 -15.02 -11.41
CA LEU C 39 -14.22 -14.40 -11.99
C LEU C 39 -13.90 -15.17 -13.26
N ASP C 40 -13.71 -14.49 -14.38
CA ASP C 40 -13.45 -15.20 -15.61
C ASP C 40 -12.01 -15.71 -15.57
N ILE C 41 -11.87 -16.98 -15.18
CA ILE C 41 -10.59 -17.68 -15.13
C ILE C 41 -10.88 -19.05 -15.73
N ASP C 42 -10.45 -19.29 -16.96
CA ASP C 42 -10.86 -20.51 -17.65
C ASP C 42 -10.37 -21.77 -16.94
N GLY C 43 -11.24 -22.76 -16.80
CA GLY C 43 -10.86 -24.08 -16.28
C GLY C 43 -10.65 -24.22 -14.77
N PHE C 44 -10.59 -23.11 -14.04
CA PHE C 44 -10.14 -23.11 -12.64
C PHE C 44 -11.02 -23.94 -11.71
N GLY C 45 -10.51 -25.06 -11.21
CA GLY C 45 -11.23 -25.82 -10.19
C GLY C 45 -12.12 -26.92 -10.74
N ALA C 46 -11.63 -27.65 -11.73
CA ALA C 46 -12.33 -28.77 -12.32
C ALA C 46 -12.89 -29.77 -11.30
N CYS C 47 -12.09 -30.24 -10.34
CA CYS C 47 -12.59 -31.29 -9.43
C CYS C 47 -13.47 -30.76 -8.29
N GLU C 48 -13.79 -29.46 -8.35
CA GLU C 48 -14.68 -28.79 -7.41
C GLU C 48 -14.14 -28.88 -5.98
N GLY C 49 -12.83 -28.93 -5.87
CA GLY C 49 -12.16 -28.78 -4.58
C GLY C 49 -12.14 -30.07 -3.79
N THR C 50 -11.87 -31.18 -4.46
CA THR C 50 -11.76 -32.50 -3.83
C THR C 50 -10.34 -33.06 -3.94
N LEU C 51 -9.35 -32.17 -4.10
CA LEU C 51 -7.93 -32.55 -4.26
C LEU C 51 -7.80 -33.71 -5.22
N ALA C 52 -8.07 -33.39 -6.46
CA ALA C 52 -8.01 -34.37 -7.50
C ALA C 52 -7.82 -33.74 -8.84
N CYS C 53 -7.37 -32.51 -8.90
CA CYS C 53 -7.00 -31.91 -10.15
C CYS C 53 -5.84 -31.00 -9.79
N SER C 54 -5.28 -30.29 -10.75
CA SER C 54 -4.33 -29.30 -10.31
C SER C 54 -4.70 -27.90 -10.80
N THR C 55 -5.92 -27.76 -11.26
CA THR C 55 -6.36 -26.61 -11.98
C THR C 55 -6.51 -25.39 -11.10
N CYS C 56 -6.56 -25.56 -9.77
CA CYS C 56 -6.72 -24.42 -8.83
C CYS C 56 -5.40 -23.84 -8.36
N HIS C 57 -4.36 -24.14 -9.10
CA HIS C 57 -3.03 -23.71 -8.80
C HIS C 57 -3.02 -22.20 -8.65
N LEU C 58 -2.37 -21.68 -7.62
CA LEU C 58 -2.18 -20.24 -7.57
C LEU C 58 -0.82 -19.89 -7.03
N ILE C 59 -0.33 -18.71 -7.36
CA ILE C 59 0.93 -18.23 -6.81
C ILE C 59 0.75 -17.10 -5.77
N PHE C 60 1.39 -17.20 -4.63
CA PHE C 60 1.19 -16.29 -3.52
C PHE C 60 2.36 -15.40 -3.28
N GLU C 61 2.12 -14.29 -2.58
CA GLU C 61 3.20 -13.38 -2.15
C GLU C 61 4.07 -13.99 -1.02
N ASP C 62 5.36 -13.72 -1.07
CA ASP C 62 6.32 -14.31 -0.17
C ASP C 62 5.82 -14.46 1.27
N HIS C 63 5.41 -13.35 1.85
CA HIS C 63 5.06 -13.31 3.26
C HIS C 63 3.81 -14.09 3.57
N ILE C 64 2.84 -14.05 2.69
CA ILE C 64 1.63 -14.83 2.88
C ILE C 64 1.88 -16.30 2.75
N TYR C 65 2.73 -16.66 1.80
CA TYR C 65 3.03 -18.05 1.49
C TYR C 65 3.57 -18.77 2.67
N GLU C 66 4.54 -18.10 3.29
CA GLU C 66 5.29 -18.67 4.39
C GLU C 66 4.40 -19.09 5.55
N LYS C 67 3.33 -18.35 5.85
CA LYS C 67 2.47 -18.68 6.99
C LYS C 67 1.16 -19.42 6.60
N LEU C 68 1.13 -20.05 5.44
CA LEU C 68 -0.09 -20.81 5.08
C LEU C 68 -0.13 -22.12 5.83
N ASP C 69 -1.30 -22.73 5.91
CA ASP C 69 -1.46 -24.00 6.61
C ASP C 69 -0.46 -25.00 6.03
N ALA C 70 0.22 -25.73 6.90
CA ALA C 70 1.28 -26.62 6.44
C ALA C 70 0.70 -27.56 5.39
N ILE C 71 1.40 -27.76 4.26
CA ILE C 71 0.85 -28.60 3.19
C ILE C 71 0.72 -30.06 3.60
N THR C 72 -0.43 -30.65 3.25
CA THR C 72 -0.66 -32.07 3.50
C THR C 72 -0.14 -32.89 2.34
N ASP C 73 -0.03 -34.20 2.53
CA ASP C 73 0.44 -35.09 1.46
C ASP C 73 -0.52 -35.20 0.28
N GLU C 74 -1.81 -35.20 0.61
CA GLU C 74 -2.90 -35.26 -0.34
C GLU C 74 -2.83 -34.03 -1.21
N GLU C 75 -2.67 -32.86 -0.58
CA GLU C 75 -2.43 -31.67 -1.35
C GLU C 75 -1.14 -31.76 -2.13
N ASN C 76 -0.08 -32.22 -1.49
CA ASN C 76 1.23 -32.26 -2.15
C ASN C 76 1.24 -33.15 -3.40
N ASP C 77 0.65 -34.33 -3.33
CA ASP C 77 0.55 -35.23 -4.47
C ASP C 77 -0.02 -34.52 -5.72
N MET C 78 -1.03 -33.69 -5.52
CA MET C 78 -1.65 -32.99 -6.64
C MET C 78 -0.98 -31.70 -6.99
N LEU C 79 -0.41 -31.00 -6.03
CA LEU C 79 0.39 -29.84 -6.36
C LEU C 79 1.62 -30.21 -7.25
N ASP C 80 2.22 -31.36 -6.99
CA ASP C 80 3.34 -31.84 -7.81
C ASP C 80 2.97 -31.95 -9.26
N LEU C 81 1.70 -32.13 -9.56
CA LEU C 81 1.25 -32.28 -10.93
C LEU C 81 0.81 -30.96 -11.58
N ALA C 82 1.03 -29.84 -10.91
CA ALA C 82 0.71 -28.53 -11.44
C ALA C 82 1.74 -28.12 -12.47
N TYR C 83 1.28 -27.52 -13.56
CA TYR C 83 2.14 -27.09 -14.65
C TYR C 83 2.73 -25.76 -14.29
N GLY C 84 4.04 -25.69 -14.38
CA GLY C 84 4.79 -24.54 -13.91
C GLY C 84 4.76 -24.42 -12.42
N LEU C 85 4.94 -25.52 -11.70
CA LEU C 85 5.01 -25.42 -10.25
C LEU C 85 6.04 -24.42 -9.83
N THR C 86 5.74 -23.61 -8.81
CA THR C 86 6.72 -22.67 -8.27
C THR C 86 7.00 -22.88 -6.80
N ASP C 87 7.95 -22.15 -6.29
CA ASP C 87 8.29 -22.21 -4.89
C ASP C 87 7.40 -21.25 -4.12
N ARG C 88 6.30 -20.83 -4.75
CA ARG C 88 5.30 -20.00 -4.09
C ARG C 88 3.89 -20.48 -4.46
N SER C 89 3.80 -21.74 -4.91
CA SER C 89 2.56 -22.32 -5.40
C SER C 89 1.80 -23.12 -4.35
N ARG C 90 0.49 -23.02 -4.38
CA ARG C 90 -0.38 -23.91 -3.64
C ARG C 90 -1.66 -24.10 -4.43
N LEU C 91 -2.44 -25.06 -3.97
CA LEU C 91 -3.71 -25.33 -4.56
C LEU C 91 -4.72 -24.42 -3.84
N GLY C 92 -5.23 -23.44 -4.57
CA GLY C 92 -6.13 -22.42 -3.99
C GLY C 92 -7.32 -22.94 -3.23
N CYS C 93 -7.64 -24.17 -3.49
CA CYS C 93 -8.85 -24.72 -2.94
C CYS C 93 -8.67 -25.32 -1.55
N GLN C 94 -7.42 -25.41 -1.13
CA GLN C 94 -7.06 -25.83 0.22
C GLN C 94 -6.57 -24.61 1.02
N ILE C 95 -6.47 -23.44 0.40
CA ILE C 95 -6.01 -22.24 1.13
C ILE C 95 -7.18 -21.35 1.48
N CYS C 96 -7.47 -21.27 2.77
CA CYS C 96 -8.59 -20.49 3.26
C CYS C 96 -8.24 -19.10 3.76
N LEU C 97 -9.18 -18.20 3.50
CA LEU C 97 -9.08 -16.79 3.87
C LEU C 97 -9.11 -16.56 5.38
N THR C 98 -8.11 -15.82 5.83
CA THR C 98 -8.04 -15.34 7.19
C THR C 98 -8.15 -13.80 7.15
N LYS C 99 -8.47 -13.18 8.26
CA LYS C 99 -8.57 -11.74 8.28
C LYS C 99 -7.26 -11.13 7.80
N SER C 100 -6.15 -11.78 8.11
CA SER C 100 -4.83 -11.23 7.87
C SER C 100 -4.47 -11.18 6.39
N MET C 101 -5.28 -11.83 5.55
CA MET C 101 -5.02 -11.88 4.12
C MET C 101 -5.60 -10.68 3.35
N ASP C 102 -6.37 -9.85 4.04
CA ASP C 102 -7.02 -8.70 3.44
C ASP C 102 -6.06 -7.93 2.55
N ASN C 103 -6.47 -7.67 1.30
CA ASN C 103 -5.69 -6.89 0.31
C ASN C 103 -4.45 -7.57 -0.28
N MET C 104 -4.33 -8.90 -0.13
CA MET C 104 -3.23 -9.64 -0.74
C MET C 104 -3.50 -9.85 -2.22
N THR C 105 -2.47 -10.28 -2.91
CA THR C 105 -2.50 -10.49 -4.33
C THR C 105 -2.08 -11.90 -4.58
N VAL C 106 -2.77 -12.63 -5.45
CA VAL C 106 -2.32 -13.93 -5.92
C VAL C 106 -2.26 -13.89 -7.41
N ARG C 107 -1.44 -14.73 -8.04
CA ARG C 107 -1.46 -14.83 -9.52
C ARG C 107 -1.94 -16.19 -10.07
N VAL C 108 -2.70 -16.13 -11.16
CA VAL C 108 -3.13 -17.35 -11.81
C VAL C 108 -2.12 -17.68 -12.90
N PRO C 109 -1.45 -18.82 -12.74
CA PRO C 109 -0.47 -19.15 -13.74
C PRO C 109 -1.08 -19.76 -14.96
N GLU C 110 -0.32 -19.71 -16.05
CA GLU C 110 -0.75 -20.30 -17.32
C GLU C 110 -0.86 -21.79 -17.18
N THR C 111 -1.77 -22.36 -17.95
CA THR C 111 -1.98 -23.82 -18.06
C THR C 111 -1.05 -24.41 -19.12
N VAL C 112 -0.93 -25.72 -19.14
CA VAL C 112 -0.11 -26.38 -20.11
C VAL C 112 -0.63 -26.13 -21.52
N ALA C 113 -1.95 -26.06 -21.69
CA ALA C 113 -2.56 -25.74 -22.99
C ALA C 113 -2.14 -24.36 -23.49
N ASP C 114 -2.09 -23.40 -22.58
CA ASP C 114 -1.61 -22.06 -22.92
C ASP C 114 -0.16 -22.12 -23.43
N ALA C 115 0.68 -22.86 -22.71
CA ALA C 115 2.10 -23.00 -23.10
C ALA C 115 2.30 -23.74 -24.42
N ARG C 116 1.32 -24.54 -24.81
CA ARG C 116 1.54 -25.51 -25.88
C ARG C 116 1.54 -24.83 -27.25
N GLN C 117 2.46 -25.28 -28.09
CA GLN C 117 2.56 -24.79 -29.44
C GLN C 117 2.15 -25.86 -30.45
N SER C 118 2.56 -27.11 -30.21
CA SER C 118 2.00 -28.20 -30.98
C SER C 118 1.76 -29.49 -30.18
N ILE C 119 0.93 -30.36 -30.74
CA ILE C 119 0.68 -31.67 -30.17
C ILE C 119 1.79 -32.56 -30.67
N ASP C 120 2.31 -33.46 -29.83
CA ASP C 120 3.37 -34.36 -30.27
C ASP C 120 2.87 -35.55 -31.07
N VAL C 121 3.79 -36.13 -31.84
CA VAL C 121 3.58 -37.43 -32.43
C VAL C 121 3.42 -38.44 -31.30
N GLY C 122 2.35 -39.20 -31.33
CA GLY C 122 2.12 -40.26 -30.39
C GLY C 122 2.74 -41.58 -30.84
N LYS C 123 3.46 -42.21 -29.91
CA LYS C 123 4.16 -43.46 -30.11
C LYS C 123 3.85 -44.39 -28.94
N THR C 124 3.38 -45.61 -29.19
CA THR C 124 3.29 -46.59 -28.12
C THR C 124 4.69 -47.05 -27.69
N SER C 125 5.58 -47.23 -28.67
CA SER C 125 7.00 -47.38 -28.34
C SER C 125 7.92 -47.13 -29.53
N ALA C 126 9.22 -47.02 -29.22
CA ALA C 126 10.26 -46.67 -30.22
C ALA C 126 11.23 -47.79 -30.43
N GLU C 127 11.92 -47.72 -31.55
CA GLU C 127 12.95 -48.68 -31.92
C GLU C 127 14.11 -47.96 -32.55
N ASN C 128 15.22 -48.65 -32.64
CA ASN C 128 16.42 -48.15 -33.26
C ASN C 128 17.03 -49.35 -33.92
N LEU C 129 16.40 -49.78 -35.00
CA LEU C 129 16.76 -51.03 -35.64
C LEU C 129 18.06 -50.91 -36.42
N TYR C 130 18.74 -49.79 -36.22
CA TYR C 130 20.16 -49.71 -36.58
C TYR C 130 20.94 -50.86 -35.88
N PHE C 131 20.45 -51.26 -34.71
CA PHE C 131 21.00 -52.34 -33.85
C PHE C 131 20.23 -53.71 -33.81
N GLN C 132 19.71 -54.17 -34.94
CA GLN C 132 18.90 -55.39 -34.98
C GLN C 132 19.83 -56.58 -35.10
N ASP D 6 -4.64 50.52 25.58
CA ASP D 6 -5.52 49.84 26.57
C ASP D 6 -5.59 48.35 26.26
N LYS D 7 -6.41 47.64 27.04
CA LYS D 7 -6.54 46.18 26.96
C LYS D 7 -7.89 45.79 26.34
N ILE D 8 -7.94 44.66 25.63
CA ILE D 8 -9.19 44.26 24.95
C ILE D 8 -9.90 43.03 25.57
N THR D 9 -11.20 42.98 25.37
CA THR D 9 -12.03 41.98 26.00
C THR D 9 -12.22 40.79 25.06
N VAL D 10 -12.01 39.59 25.58
CA VAL D 10 -12.26 38.36 24.85
C VAL D 10 -13.17 37.44 25.65
N HIS D 11 -14.22 36.95 25.00
CA HIS D 11 -15.12 36.00 25.60
C HIS D 11 -14.74 34.58 25.15
N PHE D 12 -14.63 33.67 26.12
CA PHE D 12 -14.41 32.25 25.82
C PHE D 12 -15.64 31.46 26.15
N ILE D 13 -16.07 30.61 25.21
CA ILE D 13 -17.07 29.60 25.53
C ILE D 13 -16.35 28.29 25.82
N ASN D 14 -16.51 27.83 27.06
CA ASN D 14 -15.82 26.65 27.55
C ASN D 14 -16.45 25.37 27.02
N ARG D 15 -15.75 24.26 27.19
CA ARG D 15 -16.28 22.95 26.80
C ARG D 15 -17.59 22.72 27.54
N ASP D 16 -17.63 23.22 28.78
CA ASP D 16 -18.80 23.17 29.66
C ASP D 16 -20.00 23.92 29.13
N GLY D 17 -19.77 24.85 28.23
CA GLY D 17 -20.83 25.71 27.72
C GLY D 17 -20.92 27.03 28.49
N GLU D 18 -19.95 27.24 29.38
CA GLU D 18 -19.95 28.40 30.24
C GLU D 18 -19.12 29.48 29.59
N THR D 19 -19.55 30.72 29.70
CA THR D 19 -18.85 31.83 29.05
C THR D 19 -17.98 32.53 30.06
N LEU D 20 -16.68 32.62 29.75
CA LEU D 20 -15.72 33.33 30.59
C LEU D 20 -15.29 34.59 29.85
N THR D 21 -15.42 35.73 30.52
CA THR D 21 -15.05 36.99 29.96
C THR D 21 -13.75 37.42 30.64
N THR D 22 -12.77 37.81 29.85
CA THR D 22 -11.50 38.25 30.38
C THR D 22 -10.93 39.34 29.50
N LYS D 23 -9.79 39.88 29.91
CA LYS D 23 -9.18 41.02 29.26
C LYS D 23 -7.76 40.63 28.90
N GLY D 24 -7.33 40.94 27.68
CA GLY D 24 -5.97 40.65 27.28
C GLY D 24 -5.27 41.89 26.73
N LYS D 25 -3.94 41.84 26.72
CA LYS D 25 -3.16 42.90 26.10
C LYS D 25 -3.09 42.66 24.61
N VAL D 26 -3.18 43.74 23.84
CA VAL D 26 -2.94 43.68 22.41
C VAL D 26 -1.51 43.16 22.20
N GLY D 27 -1.34 42.22 21.27
CA GLY D 27 -0.04 41.62 21.02
C GLY D 27 0.19 40.28 21.72
N ASP D 28 -0.62 39.98 22.75
CA ASP D 28 -0.57 38.69 23.46
C ASP D 28 -1.23 37.58 22.61
N SER D 29 -0.74 36.35 22.74
CA SER D 29 -1.37 35.20 22.09
C SER D 29 -2.57 34.80 22.94
N LEU D 30 -3.56 34.14 22.32
CA LEU D 30 -4.72 33.67 23.08
C LEU D 30 -4.31 32.68 24.15
N LEU D 31 -3.24 31.93 23.91
CA LEU D 31 -2.72 31.04 24.95
C LEU D 31 -2.31 31.90 26.14
N ASP D 32 -1.51 32.93 25.87
CA ASP D 32 -1.03 33.83 26.93
C ASP D 32 -2.22 34.29 27.75
N VAL D 33 -3.33 34.58 27.08
CA VAL D 33 -4.52 35.08 27.75
C VAL D 33 -5.08 34.03 28.70
N VAL D 34 -5.21 32.82 28.22
CA VAL D 34 -5.73 31.74 29.06
C VAL D 34 -4.85 31.52 30.28
N VAL D 35 -3.53 31.53 30.06
CA VAL D 35 -2.57 31.25 31.13
C VAL D 35 -2.40 32.43 32.09
N GLU D 36 -2.13 33.61 31.54
CA GLU D 36 -1.89 34.79 32.38
C GLU D 36 -3.11 35.14 33.24
N ASN D 37 -4.31 34.75 32.80
CA ASN D 37 -5.53 35.00 33.57
C ASN D 37 -6.11 33.77 34.29
N ASN D 38 -5.39 32.66 34.25
CA ASN D 38 -5.72 31.45 35.03
C ASN D 38 -7.18 31.05 34.87
N LEU D 39 -7.57 30.89 33.60
CA LEU D 39 -8.94 30.50 33.25
C LEU D 39 -9.17 29.01 33.45
N ASP D 40 -10.43 28.66 33.67
CA ASP D 40 -10.79 27.28 34.03
C ASP D 40 -10.89 26.32 32.82
N ILE D 41 -9.81 26.20 32.04
CA ILE D 41 -9.78 25.33 30.86
C ILE D 41 -8.74 24.23 30.98
N ASP D 42 -9.19 23.01 31.19
CA ASP D 42 -8.29 21.91 31.48
C ASP D 42 -7.57 21.46 30.22
N GLY D 43 -6.27 21.20 30.31
CA GLY D 43 -5.51 20.60 29.21
C GLY D 43 -5.01 21.55 28.14
N PHE D 44 -5.46 22.80 28.18
CA PHE D 44 -5.21 23.77 27.11
C PHE D 44 -3.76 24.25 27.09
N GLY D 45 -3.07 24.05 25.98
CA GLY D 45 -1.71 24.57 25.82
C GLY D 45 -0.62 23.68 26.40
N ALA D 46 -0.74 22.37 26.19
CA ALA D 46 0.25 21.41 26.70
C ALA D 46 1.70 21.69 26.26
N CYS D 47 1.90 22.02 24.99
CA CYS D 47 3.28 22.27 24.48
C CYS D 47 3.83 23.65 24.82
N GLU D 48 3.03 24.44 25.56
CA GLU D 48 3.39 25.80 25.96
C GLU D 48 3.72 26.69 24.76
N GLY D 49 2.96 26.49 23.68
CA GLY D 49 3.02 27.40 22.53
C GLY D 49 4.23 27.21 21.64
N THR D 50 4.74 25.98 21.57
CA THR D 50 5.87 25.67 20.67
C THR D 50 5.45 24.89 19.40
N LEU D 51 4.17 24.96 19.05
CA LEU D 51 3.62 24.28 17.86
C LEU D 51 3.94 22.77 17.82
N ALA D 52 3.71 22.12 18.95
CA ALA D 52 3.97 20.70 19.06
C ALA D 52 2.79 19.92 19.62
N CYS D 53 1.68 20.57 19.93
CA CYS D 53 0.45 19.88 20.33
C CYS D 53 -0.72 20.40 19.50
N SER D 54 -1.93 19.96 19.78
CA SER D 54 -3.09 20.56 19.15
C SER D 54 -4.08 21.04 20.21
N THR D 55 -3.59 21.27 21.43
CA THR D 55 -4.49 21.47 22.56
C THR D 55 -4.94 22.91 22.71
N CYS D 56 -4.24 23.84 22.07
CA CYS D 56 -4.66 25.25 22.02
C CYS D 56 -5.70 25.53 20.93
N HIS D 57 -6.27 24.49 20.34
CA HIS D 57 -7.32 24.60 19.35
C HIS D 57 -8.44 25.52 19.83
N LEU D 58 -8.81 26.48 18.98
CA LEU D 58 -9.96 27.35 19.24
C LEU D 58 -10.78 27.55 17.98
N ILE D 59 -12.05 27.85 18.15
CA ILE D 59 -12.93 28.16 17.03
C ILE D 59 -13.27 29.66 17.05
N PHE D 60 -13.22 30.30 15.89
CA PHE D 60 -13.35 31.74 15.78
C PHE D 60 -14.63 32.20 15.03
N GLU D 61 -15.04 33.42 15.35
CA GLU D 61 -16.14 34.05 14.63
C GLU D 61 -15.74 34.32 13.15
N ASP D 62 -16.71 34.18 12.28
CA ASP D 62 -16.51 34.38 10.85
C ASP D 62 -15.59 35.59 10.54
N HIS D 63 -16.02 36.77 10.96
CA HIS D 63 -15.34 38.01 10.55
C HIS D 63 -13.95 38.19 11.14
N ILE D 64 -13.67 37.52 12.24
CA ILE D 64 -12.35 37.51 12.85
C ILE D 64 -11.43 36.55 12.09
N TYR D 65 -11.95 35.33 11.84
CA TYR D 65 -11.21 34.27 11.18
C TYR D 65 -10.66 34.78 9.86
N GLU D 66 -11.53 35.39 9.08
CA GLU D 66 -11.20 35.95 7.78
C GLU D 66 -9.97 36.86 7.77
N LYS D 67 -9.71 37.51 8.90
CA LYS D 67 -8.67 38.52 8.98
C LYS D 67 -7.37 38.05 9.62
N LEU D 68 -7.33 36.79 10.04
CA LEU D 68 -6.18 36.28 10.77
C LEU D 68 -4.98 36.11 9.86
N ASP D 69 -3.79 36.16 10.44
CA ASP D 69 -2.57 36.02 9.63
C ASP D 69 -2.61 34.69 8.91
N ALA D 70 -2.16 34.68 7.66
CA ALA D 70 -2.10 33.46 6.88
C ALA D 70 -1.44 32.34 7.69
N ILE D 71 -2.02 31.14 7.64
CA ILE D 71 -1.56 30.01 8.44
C ILE D 71 -0.24 29.42 7.92
N THR D 72 0.77 29.28 8.78
CA THR D 72 2.05 28.73 8.33
C THR D 72 1.98 27.21 8.15
N ASP D 73 2.93 26.66 7.42
CA ASP D 73 3.00 25.20 7.26
C ASP D 73 3.12 24.50 8.61
N GLU D 74 4.00 25.03 9.44
CA GLU D 74 4.17 24.55 10.79
C GLU D 74 2.84 24.46 11.52
N GLU D 75 2.10 25.57 11.59
CA GLU D 75 0.81 25.52 12.28
C GLU D 75 -0.09 24.48 11.64
N ASN D 76 -0.11 24.44 10.32
CA ASN D 76 -1.06 23.59 9.65
C ASN D 76 -0.84 22.11 9.96
N ASP D 77 0.43 21.73 10.10
CA ASP D 77 0.78 20.37 10.49
C ASP D 77 0.10 19.97 11.79
N MET D 78 0.20 20.84 12.79
CA MET D 78 -0.38 20.53 14.10
C MET D 78 -1.89 20.69 14.07
N LEU D 79 -2.37 21.64 13.29
CA LEU D 79 -3.80 21.89 13.21
C LEU D 79 -4.53 20.72 12.57
N ASP D 80 -3.86 20.02 11.65
CA ASP D 80 -4.45 18.81 11.06
C ASP D 80 -4.78 17.78 12.11
N LEU D 81 -3.99 17.75 13.17
CA LEU D 81 -4.18 16.79 14.23
C LEU D 81 -5.17 17.25 15.31
N ALA D 82 -5.74 18.43 15.16
CA ALA D 82 -6.75 18.87 16.12
C ALA D 82 -7.97 17.96 16.04
N TYR D 83 -8.47 17.54 17.18
CA TYR D 83 -9.71 16.78 17.20
C TYR D 83 -10.91 17.70 17.00
N GLY D 84 -11.79 17.30 16.10
CA GLY D 84 -12.94 18.08 15.67
C GLY D 84 -12.59 19.34 14.89
N LEU D 85 -11.59 19.26 14.02
CA LEU D 85 -11.14 20.40 13.19
C LEU D 85 -12.28 20.99 12.40
N THR D 86 -12.41 22.30 12.41
CA THR D 86 -13.48 23.01 11.69
C THR D 86 -12.89 23.99 10.69
N ASP D 87 -13.75 24.51 9.83
CA ASP D 87 -13.32 25.55 8.90
C ASP D 87 -13.22 26.94 9.55
N ARG D 88 -13.29 27.01 10.88
CA ARG D 88 -12.99 28.24 11.62
C ARG D 88 -11.95 27.97 12.71
N SER D 89 -11.26 26.86 12.62
CA SER D 89 -10.30 26.49 13.62
C SER D 89 -8.92 27.12 13.41
N ARG D 90 -8.28 27.49 14.49
CA ARG D 90 -6.88 27.83 14.47
C ARG D 90 -6.30 27.45 15.81
N LEU D 91 -4.98 27.46 15.89
CA LEU D 91 -4.28 27.14 17.13
C LEU D 91 -4.09 28.43 17.88
N GLY D 92 -4.80 28.55 19.02
CA GLY D 92 -4.91 29.82 19.72
C GLY D 92 -3.60 30.45 20.11
N CYS D 93 -2.59 29.63 20.05
CA CYS D 93 -1.31 30.08 20.53
C CYS D 93 -0.47 30.73 19.42
N GLN D 94 -0.94 30.63 18.18
CA GLN D 94 -0.34 31.38 17.09
C GLN D 94 -1.13 32.65 16.78
N ILE D 95 -2.30 32.82 17.40
CA ILE D 95 -3.16 33.95 17.11
C ILE D 95 -2.98 35.03 18.16
N CYS D 96 -2.52 36.19 17.71
CA CYS D 96 -2.26 37.33 18.57
C CYS D 96 -3.37 38.35 18.53
N LEU D 97 -3.67 38.93 19.70
CA LEU D 97 -4.76 39.91 19.82
C LEU D 97 -4.47 41.20 19.08
N THR D 98 -5.42 41.62 18.25
CA THR D 98 -5.38 42.93 17.62
C THR D 98 -6.51 43.75 18.15
N LYS D 99 -6.39 45.07 18.00
CA LYS D 99 -7.40 46.02 18.49
C LYS D 99 -8.79 45.67 17.96
N SER D 100 -8.88 45.17 16.73
CA SER D 100 -10.17 44.84 16.14
C SER D 100 -10.86 43.60 16.74
N MET D 101 -10.16 42.87 17.59
CA MET D 101 -10.72 41.66 18.23
C MET D 101 -11.53 41.94 19.50
N ASP D 102 -11.60 43.19 19.93
CA ASP D 102 -12.33 43.52 21.16
C ASP D 102 -13.75 42.95 21.16
N ASN D 103 -14.12 42.27 22.24
CA ASN D 103 -15.43 41.62 22.39
C ASN D 103 -15.72 40.45 21.44
N MET D 104 -14.69 39.87 20.84
CA MET D 104 -14.90 38.65 20.07
C MET D 104 -15.16 37.49 21.01
N THR D 105 -15.78 36.45 20.48
CA THR D 105 -16.02 35.20 21.21
C THR D 105 -15.29 34.10 20.49
N VAL D 106 -14.50 33.32 21.22
CA VAL D 106 -13.91 32.11 20.68
C VAL D 106 -14.48 30.96 21.46
N ARG D 107 -14.62 29.80 20.83
CA ARG D 107 -15.08 28.60 21.54
C ARG D 107 -13.97 27.54 21.68
N VAL D 108 -13.89 26.96 22.88
CA VAL D 108 -12.99 25.84 23.16
C VAL D 108 -13.76 24.58 22.80
N PRO D 109 -13.28 23.87 21.76
CA PRO D 109 -13.96 22.68 21.30
C PRO D 109 -13.63 21.49 22.18
N GLU D 110 -14.50 20.48 22.15
CA GLU D 110 -14.31 19.28 22.96
C GLU D 110 -13.08 18.52 22.48
N THR D 111 -12.45 17.80 23.41
CA THR D 111 -11.30 16.96 23.11
C THR D 111 -11.74 15.58 22.74
N VAL D 112 -10.80 14.81 22.18
CA VAL D 112 -11.04 13.43 21.88
C VAL D 112 -11.48 12.71 23.15
N ALA D 113 -10.86 13.07 24.26
CA ALA D 113 -11.20 12.50 25.57
C ALA D 113 -12.63 12.79 26.00
N ASP D 114 -13.09 14.01 25.83
CA ASP D 114 -14.50 14.32 26.09
C ASP D 114 -15.43 13.46 25.21
N ALA D 115 -15.04 13.26 23.95
CA ALA D 115 -15.89 12.59 22.97
C ALA D 115 -15.99 11.12 23.32
N ARG D 116 -14.83 10.52 23.54
CA ARG D 116 -14.65 9.10 23.81
C ARG D 116 -15.65 8.50 24.78
N GLN D 117 -16.21 7.36 24.39
CA GLN D 117 -17.10 6.60 25.25
C GLN D 117 -16.54 5.24 25.70
N SER D 118 -15.53 4.74 25.01
CA SER D 118 -14.90 3.44 25.31
C SER D 118 -13.43 3.50 24.85
N ILE D 119 -12.55 2.78 25.52
CA ILE D 119 -11.17 2.66 25.05
C ILE D 119 -11.21 1.45 24.17
N ASP D 120 -10.51 1.51 23.04
CA ASP D 120 -10.54 0.40 22.14
C ASP D 120 -9.64 -0.77 22.58
N VAL D 121 -10.06 -1.97 22.19
CA VAL D 121 -9.23 -3.16 22.30
C VAL D 121 -8.02 -2.95 21.43
N GLY D 122 -6.83 -3.07 21.98
CA GLY D 122 -5.62 -2.86 21.22
C GLY D 122 -5.16 -4.18 20.64
N LYS D 123 -4.94 -4.25 19.33
CA LYS D 123 -4.34 -5.46 18.74
C LYS D 123 -3.11 -5.15 17.89
N THR D 124 -2.08 -5.94 18.05
CA THR D 124 -0.92 -5.84 17.19
C THR D 124 -1.28 -6.42 15.79
N SER D 125 -1.98 -7.55 15.77
CA SER D 125 -2.23 -8.33 14.55
C SER D 125 -3.57 -9.10 14.62
N ALA D 126 -3.87 -9.91 13.62
CA ALA D 126 -4.96 -10.86 13.68
C ALA D 126 -4.37 -12.27 13.75
N GLU D 127 -5.05 -13.25 13.18
CA GLU D 127 -4.53 -14.63 13.16
C GLU D 127 -3.00 -14.70 13.00
N ASN D 128 -2.48 -13.93 12.05
CA ASN D 128 -1.07 -13.97 11.72
C ASN D 128 -0.51 -12.60 11.60
N LEU D 129 0.80 -12.50 11.71
CA LEU D 129 1.52 -11.26 11.60
C LEU D 129 2.75 -11.55 10.75
N TYR D 130 3.04 -10.73 9.76
CA TYR D 130 4.09 -11.04 8.79
C TYR D 130 5.36 -10.18 8.96
N PHE D 131 6.51 -10.84 9.01
CA PHE D 131 7.77 -10.19 9.32
C PHE D 131 8.68 -10.47 8.17
N GLN D 132 9.70 -9.66 7.97
CA GLN D 132 10.82 -10.13 7.14
C GLN D 132 11.71 -11.14 7.88
N ASP E 6 24.77 -3.96 24.47
CA ASP E 6 23.87 -4.90 23.74
C ASP E 6 22.81 -4.15 22.88
N LYS E 7 22.35 -4.81 21.82
CA LYS E 7 21.40 -4.23 20.85
C LYS E 7 20.25 -5.17 20.64
N ILE E 8 19.04 -4.61 20.54
CA ILE E 8 17.85 -5.44 20.32
C ILE E 8 17.01 -5.09 19.10
N THR E 9 16.24 -6.05 18.61
CA THR E 9 15.45 -5.89 17.42
C THR E 9 14.00 -5.53 17.77
N VAL E 10 13.49 -4.50 17.10
CA VAL E 10 12.11 -4.10 17.23
C VAL E 10 11.48 -4.02 15.84
N HIS E 11 10.31 -4.62 15.71
CA HIS E 11 9.51 -4.51 14.51
C HIS E 11 8.40 -3.48 14.67
N PHE E 12 8.27 -2.59 13.69
CA PHE E 12 7.19 -1.62 13.67
C PHE E 12 6.21 -1.97 12.58
N ILE E 13 4.92 -1.95 12.89
CA ILE E 13 3.92 -1.97 11.85
C ILE E 13 3.46 -0.54 11.61
N ASN E 14 3.68 -0.03 10.40
CA ASN E 14 3.36 1.34 10.07
C ASN E 14 1.85 1.53 9.89
N ARG E 15 1.44 2.78 9.77
CA ARG E 15 0.06 3.10 9.43
C ARG E 15 -0.33 2.50 8.11
N ASP E 16 0.65 2.46 7.19
CA ASP E 16 0.54 1.85 5.85
C ASP E 16 0.26 0.34 5.89
N GLY E 17 0.65 -0.30 6.99
CA GLY E 17 0.55 -1.74 7.11
C GLY E 17 1.88 -2.39 6.78
N GLU E 18 2.92 -1.58 6.57
CA GLU E 18 4.22 -2.10 6.19
C GLU E 18 5.07 -2.32 7.42
N THR E 19 5.80 -3.43 7.45
CA THR E 19 6.60 -3.78 8.60
C THR E 19 8.05 -3.33 8.41
N LEU E 20 8.55 -2.55 9.37
CA LEU E 20 9.92 -2.08 9.35
C LEU E 20 10.63 -2.76 10.51
N THR E 21 11.73 -3.44 10.22
CA THR E 21 12.53 -4.08 11.25
C THR E 21 13.78 -3.27 11.47
N THR E 22 14.06 -2.93 12.72
CA THR E 22 15.21 -2.08 13.06
C THR E 22 15.82 -2.55 14.37
N LYS E 23 16.92 -1.94 14.75
CA LYS E 23 17.68 -2.35 15.91
C LYS E 23 17.85 -1.15 16.80
N GLY E 24 17.61 -1.32 18.09
CA GLY E 24 17.79 -0.22 19.04
C GLY E 24 18.66 -0.59 20.22
N LYS E 25 19.27 0.42 20.84
CA LYS E 25 20.09 0.20 22.04
C LYS E 25 19.18 0.00 23.23
N VAL E 26 19.54 -0.92 24.11
CA VAL E 26 18.87 -1.04 25.40
C VAL E 26 19.00 0.29 26.16
N GLY E 27 17.90 0.78 26.72
CA GLY E 27 17.90 2.06 27.40
C GLY E 27 17.39 3.23 26.57
N ASP E 28 17.37 3.07 25.25
CA ASP E 28 16.81 4.11 24.37
C ASP E 28 15.27 4.08 24.40
N SER E 29 14.64 5.24 24.20
CA SER E 29 13.18 5.30 24.10
C SER E 29 12.76 4.89 22.71
N LEU E 30 11.54 4.40 22.55
CA LEU E 30 11.08 4.04 21.21
C LEU E 30 11.06 5.24 20.26
N LEU E 31 10.90 6.43 20.80
CA LEU E 31 11.03 7.64 19.97
C LEU E 31 12.46 7.73 19.45
N ASP E 32 13.43 7.59 20.35
CA ASP E 32 14.85 7.61 19.97
C ASP E 32 15.11 6.64 18.82
N VAL E 33 14.50 5.47 18.88
CA VAL E 33 14.69 4.44 17.87
C VAL E 33 14.17 4.93 16.53
N VAL E 34 12.96 5.46 16.52
CA VAL E 34 12.38 6.00 15.30
C VAL E 34 13.26 7.07 14.70
N VAL E 35 13.73 7.99 15.53
CA VAL E 35 14.48 9.13 15.02
C VAL E 35 15.93 8.77 14.64
N GLU E 36 16.62 8.06 15.53
CA GLU E 36 18.03 7.73 15.29
C GLU E 36 18.23 6.82 14.07
N ASN E 37 17.18 6.07 13.71
CA ASN E 37 17.21 5.19 12.54
C ASN E 37 16.43 5.71 11.33
N ASN E 38 15.90 6.93 11.43
CA ASN E 38 15.28 7.61 10.29
C ASN E 38 14.25 6.74 9.59
N LEU E 39 13.28 6.27 10.37
CA LEU E 39 12.21 5.41 9.88
C LEU E 39 11.11 6.22 9.22
N ASP E 40 10.40 5.58 8.28
CA ASP E 40 9.41 6.25 7.42
C ASP E 40 8.04 6.47 8.12
N ILE E 41 8.05 7.14 9.27
CA ILE E 41 6.80 7.42 10.00
C ILE E 41 6.58 8.92 10.11
N ASP E 42 5.58 9.40 9.38
CA ASP E 42 5.31 10.83 9.30
C ASP E 42 4.65 11.30 10.59
N GLY E 43 5.07 12.46 11.10
CA GLY E 43 4.37 13.12 12.21
C GLY E 43 4.69 12.62 13.61
N PHE E 44 5.42 11.52 13.70
CA PHE E 44 5.69 10.84 14.96
C PHE E 44 6.70 11.60 15.83
N GLY E 45 6.29 11.99 17.03
CA GLY E 45 7.20 12.64 17.97
C GLY E 45 7.34 14.15 17.80
N ALA E 46 6.22 14.83 17.60
CA ALA E 46 6.23 16.29 17.41
C ALA E 46 6.87 17.07 18.55
N CYS E 47 6.55 16.72 19.79
CA CYS E 47 7.07 17.45 20.96
C CYS E 47 8.49 17.03 21.36
N GLU E 48 9.08 16.12 20.58
CA GLU E 48 10.45 15.64 20.77
C GLU E 48 10.63 15.00 22.15
N GLY E 49 9.59 14.33 22.61
CA GLY E 49 9.66 13.55 23.83
C GLY E 49 9.63 14.36 25.11
N THR E 50 8.91 15.47 25.10
CA THR E 50 8.71 16.28 26.32
C THR E 50 7.29 16.16 26.89
N LEU E 51 6.62 15.06 26.58
CA LEU E 51 5.27 14.79 27.10
C LEU E 51 4.33 15.95 26.89
N ALA E 52 4.28 16.44 25.67
CA ALA E 52 3.41 17.53 25.34
C ALA E 52 2.62 17.29 24.07
N CYS E 53 2.77 16.14 23.44
CA CYS E 53 1.91 15.78 22.31
C CYS E 53 1.35 14.39 22.53
N SER E 54 0.61 13.86 21.57
CA SER E 54 0.20 12.46 21.65
C SER E 54 0.66 11.69 20.43
N THR E 55 1.66 12.20 19.74
CA THR E 55 2.01 11.72 18.40
C THR E 55 2.96 10.52 18.43
N CYS E 56 3.58 10.27 19.59
CA CYS E 56 4.41 9.08 19.81
C CYS E 56 3.59 7.85 20.22
N HIS E 57 2.27 7.95 20.13
CA HIS E 57 1.37 6.86 20.50
C HIS E 57 1.80 5.58 19.78
N LEU E 58 1.95 4.49 20.54
CA LEU E 58 2.20 3.13 20.00
C LEU E 58 1.33 2.10 20.71
N ILE E 59 1.05 1.01 20.01
CA ILE E 59 0.29 -0.09 20.58
C ILE E 59 1.24 -1.26 20.76
N PHE E 60 1.15 -1.89 21.93
CA PHE E 60 2.10 -2.94 22.33
C PHE E 60 1.47 -4.34 22.37
N GLU E 61 2.35 -5.34 22.24
CA GLU E 61 1.95 -6.73 22.46
C GLU E 61 1.54 -6.94 23.93
N ASP E 62 0.56 -7.82 24.12
CA ASP E 62 0.06 -8.17 25.46
C ASP E 62 1.19 -8.28 26.46
N HIS E 63 2.09 -9.26 26.23
CA HIS E 63 3.05 -9.63 27.28
C HIS E 63 4.13 -8.57 27.50
N ILE E 64 4.32 -7.68 26.54
CA ILE E 64 5.22 -6.54 26.74
C ILE E 64 4.54 -5.45 27.59
N TYR E 65 3.31 -5.14 27.22
CA TYR E 65 2.50 -4.07 27.86
C TYR E 65 2.36 -4.29 29.36
N GLU E 66 2.04 -5.53 29.69
CA GLU E 66 1.98 -5.99 31.07
C GLU E 66 3.21 -5.64 31.92
N LYS E 67 4.38 -5.58 31.31
CA LYS E 67 5.64 -5.45 32.03
C LYS E 67 6.17 -4.03 32.09
N LEU E 68 5.49 -3.09 31.43
CA LEU E 68 6.00 -1.74 31.28
C LEU E 68 5.93 -0.98 32.59
N ASP E 69 6.80 0.00 32.75
CA ASP E 69 6.83 0.80 33.97
C ASP E 69 5.45 1.42 34.15
N ALA E 70 4.98 1.48 35.39
CA ALA E 70 3.69 2.08 35.71
C ALA E 70 3.60 3.45 35.05
N ILE E 71 2.44 3.77 34.51
CA ILE E 71 2.24 5.02 33.79
C ILE E 71 2.12 6.24 34.75
N THR E 72 2.93 7.28 34.52
CA THR E 72 2.88 8.46 35.38
C THR E 72 1.65 9.31 35.04
N ASP E 73 1.28 10.19 35.96
CA ASP E 73 0.16 11.10 35.75
C ASP E 73 0.38 11.99 34.53
N GLU E 74 1.60 12.51 34.41
CA GLU E 74 2.02 13.29 33.27
C GLU E 74 1.73 12.53 31.97
N GLU E 75 2.28 11.32 31.81
CA GLU E 75 2.03 10.55 30.58
C GLU E 75 0.54 10.36 30.37
N ASN E 76 -0.18 10.04 31.43
CA ASN E 76 -1.60 9.72 31.30
C ASN E 76 -2.42 10.87 30.76
N ASP E 77 -2.05 12.08 31.16
CA ASP E 77 -2.70 13.30 30.67
C ASP E 77 -2.62 13.42 29.16
N MET E 78 -1.42 13.17 28.61
CA MET E 78 -1.22 13.24 27.16
C MET E 78 -1.80 12.02 26.45
N LEU E 79 -1.72 10.87 27.11
CA LEU E 79 -2.23 9.62 26.53
C LEU E 79 -3.73 9.69 26.39
N ASP E 80 -4.42 10.35 27.31
CA ASP E 80 -5.87 10.52 27.15
C ASP E 80 -6.21 11.18 25.81
N LEU E 81 -5.33 12.07 25.34
CA LEU E 81 -5.58 12.80 24.12
C LEU E 81 -5.15 12.06 22.86
N ALA E 82 -4.61 10.85 23.00
CA ALA E 82 -4.22 10.06 21.84
C ALA E 82 -5.46 9.69 21.05
N TYR E 83 -5.42 9.87 19.73
CA TYR E 83 -6.53 9.46 18.91
C TYR E 83 -6.51 7.97 18.77
N GLY E 84 -7.65 7.35 18.98
CA GLY E 84 -7.79 5.89 18.90
C GLY E 84 -7.10 5.16 20.04
N LEU E 85 -7.20 5.71 21.22
CA LEU E 85 -6.60 5.11 22.43
C LEU E 85 -7.11 3.69 22.61
N THR E 86 -6.20 2.79 22.95
CA THR E 86 -6.52 1.41 23.19
C THR E 86 -6.00 0.97 24.54
N ASP E 87 -6.48 -0.19 24.98
CA ASP E 87 -6.00 -0.80 26.24
C ASP E 87 -4.62 -1.44 26.13
N ARG E 88 -3.90 -1.17 25.05
CA ARG E 88 -2.49 -1.54 24.95
C ARG E 88 -1.62 -0.38 24.48
N SER E 89 -2.17 0.83 24.57
CA SER E 89 -1.50 2.05 24.15
C SER E 89 -0.57 2.62 25.20
N ARG E 90 0.58 3.09 24.76
CA ARG E 90 1.46 3.93 25.55
C ARG E 90 2.11 4.96 24.64
N LEU E 91 2.73 5.96 25.25
CA LEU E 91 3.42 6.98 24.50
C LEU E 91 4.83 6.50 24.37
N GLY E 92 5.21 6.17 23.13
CA GLY E 92 6.45 5.45 22.83
C GLY E 92 7.69 6.12 23.32
N CYS E 93 7.56 7.38 23.65
CA CYS E 93 8.70 8.16 24.02
C CYS E 93 8.99 8.11 25.51
N GLN E 94 8.06 7.52 26.26
CA GLN E 94 8.29 7.21 27.68
C GLN E 94 8.73 5.77 27.88
N ILE E 95 8.62 4.96 26.82
CA ILE E 95 8.91 3.53 26.92
C ILE E 95 10.34 3.24 26.45
N CYS E 96 11.15 2.74 27.38
CA CYS E 96 12.55 2.44 27.14
C CYS E 96 12.79 0.96 26.90
N LEU E 97 13.67 0.66 25.94
CA LEU E 97 13.94 -0.70 25.54
C LEU E 97 14.63 -1.46 26.66
N THR E 98 14.09 -2.64 26.97
CA THR E 98 14.74 -3.59 27.86
C THR E 98 15.12 -4.84 27.08
N LYS E 99 16.06 -5.61 27.61
CA LYS E 99 16.56 -6.83 26.96
C LYS E 99 15.40 -7.78 26.60
N SER E 100 14.35 -7.80 27.42
CA SER E 100 13.23 -8.70 27.17
C SER E 100 12.33 -8.29 26.02
N MET E 101 12.56 -7.10 25.47
CA MET E 101 11.76 -6.60 24.35
C MET E 101 12.25 -7.06 22.98
N ASP E 102 13.37 -7.79 22.93
CA ASP E 102 13.94 -8.24 21.64
C ASP E 102 12.88 -8.96 20.78
N ASN E 103 12.77 -8.53 19.52
CA ASN E 103 11.79 -9.05 18.56
C ASN E 103 10.31 -8.79 18.86
N MET E 104 10.04 -7.82 19.72
CA MET E 104 8.66 -7.37 19.89
C MET E 104 8.19 -6.60 18.65
N THR E 105 6.88 -6.51 18.50
CA THR E 105 6.24 -5.74 17.45
C THR E 105 5.36 -4.68 18.09
N VAL E 106 5.53 -3.44 17.68
CA VAL E 106 4.67 -2.36 18.10
C VAL E 106 4.00 -1.84 16.84
N ARG E 107 2.76 -1.38 16.98
CA ARG E 107 2.04 -0.83 15.84
C ARG E 107 1.86 0.68 15.99
N VAL E 108 2.09 1.41 14.91
CA VAL E 108 1.78 2.83 14.82
C VAL E 108 0.31 2.96 14.39
N PRO E 109 -0.54 3.52 15.26
CA PRO E 109 -1.97 3.64 14.97
C PRO E 109 -2.26 4.85 14.09
N GLU E 110 -3.40 4.83 13.43
CA GLU E 110 -3.77 5.91 12.53
C GLU E 110 -4.04 7.21 13.32
N THR E 111 -3.79 8.35 12.69
CA THR E 111 -4.02 9.66 13.31
C THR E 111 -5.41 10.14 13.02
N VAL E 112 -5.83 11.19 13.70
CA VAL E 112 -7.16 11.73 13.49
C VAL E 112 -7.32 12.22 12.05
N ALA E 113 -6.24 12.74 11.49
CA ALA E 113 -6.20 13.19 10.09
C ALA E 113 -6.42 12.07 9.09
N ASP E 114 -5.79 10.93 9.33
CA ASP E 114 -5.92 9.80 8.46
C ASP E 114 -7.40 9.42 8.43
N ALA E 115 -8.07 9.55 9.56
CA ALA E 115 -9.42 9.04 9.75
C ALA E 115 -10.49 10.02 9.28
N ARG E 116 -10.08 11.27 9.11
CA ARG E 116 -11.00 12.34 8.78
C ARG E 116 -11.38 12.28 7.32
N GLN E 117 -12.65 12.48 7.06
CA GLN E 117 -13.17 12.43 5.72
C GLN E 117 -13.70 13.78 5.28
N SER E 118 -14.02 14.59 6.27
CA SER E 118 -14.28 15.98 6.04
C SER E 118 -14.06 16.79 7.32
N ILE E 119 -13.78 18.06 7.08
CA ILE E 119 -13.63 19.11 8.06
C ILE E 119 -15.00 19.59 8.48
N ASP E 120 -15.16 19.94 9.76
CA ASP E 120 -16.45 20.36 10.31
C ASP E 120 -16.79 21.83 10.08
N VAL E 121 -18.08 22.11 10.01
CA VAL E 121 -18.56 23.49 9.94
C VAL E 121 -18.31 24.07 11.30
N GLY E 122 -17.58 25.17 11.36
CA GLY E 122 -17.24 25.82 12.60
C GLY E 122 -18.28 26.84 13.03
N LYS E 123 -18.85 26.67 14.21
CA LYS E 123 -19.74 27.64 14.81
C LYS E 123 -19.30 27.95 16.25
N THR E 124 -19.45 29.20 16.68
CA THR E 124 -19.16 29.59 18.05
C THR E 124 -20.38 29.33 18.88
N SER E 125 -21.57 29.73 18.42
CA SER E 125 -22.81 29.31 19.10
C SER E 125 -23.88 28.61 18.24
N ALA E 126 -24.64 27.75 18.91
CA ALA E 126 -25.90 27.15 18.40
C ALA E 126 -27.03 28.15 18.07
N GLU E 127 -27.10 29.28 18.75
CA GLU E 127 -28.25 30.18 18.55
C GLU E 127 -28.07 31.04 17.25
N ASN E 128 -29.18 31.37 16.58
CA ASN E 128 -29.20 32.43 15.55
C ASN E 128 -28.41 33.64 15.98
N LEU E 129 -28.21 34.55 15.06
CA LEU E 129 -27.70 35.83 15.43
C LEU E 129 -28.81 36.66 16.05
N TYR E 130 -30.04 36.54 15.53
CA TYR E 130 -31.17 37.29 16.08
C TYR E 130 -31.30 37.07 17.59
N PHE E 131 -31.28 35.80 18.00
CA PHE E 131 -31.41 35.44 19.42
C PHE E 131 -30.12 35.68 20.24
N GLN E 132 -29.15 36.37 19.65
CA GLN E 132 -28.05 36.98 20.37
C GLN E 132 -27.17 36.00 21.08
N GLU F 5 -20.93 -61.34 -21.02
CA GLU F 5 -19.85 -60.52 -21.64
C GLU F 5 -18.48 -60.95 -21.11
N ASP F 6 -17.77 -61.74 -21.90
CA ASP F 6 -16.48 -62.32 -21.46
C ASP F 6 -15.33 -61.30 -21.54
N LYS F 7 -14.13 -61.72 -21.13
CA LYS F 7 -13.00 -60.83 -20.89
C LYS F 7 -12.00 -60.80 -22.03
N ILE F 8 -11.21 -59.71 -22.08
CA ILE F 8 -10.08 -59.53 -23.03
C ILE F 8 -8.76 -59.13 -22.35
N THR F 9 -7.66 -59.31 -23.08
CA THR F 9 -6.33 -59.01 -22.59
C THR F 9 -5.86 -57.63 -23.05
N VAL F 10 -5.34 -56.85 -22.11
CA VAL F 10 -4.75 -55.55 -22.37
C VAL F 10 -3.37 -55.50 -21.78
N HIS F 11 -2.42 -55.07 -22.58
CA HIS F 11 -1.06 -54.83 -22.10
C HIS F 11 -0.89 -53.33 -21.81
N PHE F 12 -0.29 -53.01 -20.66
CA PHE F 12 0.09 -51.64 -20.31
C PHE F 12 1.59 -51.51 -20.28
N ILE F 13 2.12 -50.48 -20.91
CA ILE F 13 3.51 -50.12 -20.72
C ILE F 13 3.52 -49.03 -19.67
N ASN F 14 4.21 -49.26 -18.58
CA ASN F 14 4.26 -48.32 -17.46
C ASN F 14 5.24 -47.20 -17.71
N ARG F 15 5.21 -46.19 -16.86
CA ARG F 15 6.17 -45.10 -16.95
C ARG F 15 7.58 -45.64 -16.79
N ASP F 16 7.71 -46.68 -15.94
CA ASP F 16 8.96 -47.43 -15.72
C ASP F 16 9.48 -48.17 -16.94
N GLY F 17 8.65 -48.41 -17.92
CA GLY F 17 9.05 -49.13 -19.12
C GLY F 17 8.75 -50.62 -18.97
N GLU F 18 8.04 -50.96 -17.91
CA GLU F 18 7.72 -52.33 -17.63
C GLU F 18 6.33 -52.65 -18.19
N THR F 19 6.17 -53.85 -18.74
CA THR F 19 4.90 -54.22 -19.36
C THR F 19 4.06 -55.04 -18.40
N LEU F 20 2.84 -54.60 -18.15
CA LEU F 20 1.93 -55.32 -17.28
C LEU F 20 0.82 -55.87 -18.16
N THR F 21 0.59 -57.18 -18.08
CA THR F 21 -0.47 -57.81 -18.85
C THR F 21 -1.59 -58.14 -17.89
N THR F 22 -2.81 -57.79 -18.26
CA THR F 22 -3.96 -58.04 -17.42
C THR F 22 -5.18 -58.36 -18.26
N LYS F 23 -6.29 -58.63 -17.61
CA LYS F 23 -7.51 -59.04 -18.29
C LYS F 23 -8.64 -58.15 -17.83
N GLY F 24 -9.41 -57.61 -18.77
CA GLY F 24 -10.54 -56.74 -18.44
C GLY F 24 -11.84 -57.21 -19.05
N LYS F 25 -12.96 -56.84 -18.43
CA LYS F 25 -14.28 -57.18 -18.97
C LYS F 25 -14.61 -56.24 -20.10
N VAL F 26 -15.22 -56.76 -21.15
CA VAL F 26 -15.74 -55.92 -22.20
C VAL F 26 -16.76 -54.96 -21.55
N GLY F 27 -16.74 -53.70 -21.94
CA GLY F 27 -17.63 -52.70 -21.35
C GLY F 27 -17.04 -51.89 -20.21
N ASP F 28 -15.94 -52.39 -19.61
CA ASP F 28 -15.24 -51.66 -18.54
C ASP F 28 -14.36 -50.54 -19.12
N SER F 29 -14.19 -49.45 -18.37
CA SER F 29 -13.28 -48.40 -18.78
C SER F 29 -11.86 -48.83 -18.46
N LEU F 30 -10.90 -48.30 -19.17
CA LEU F 30 -9.51 -48.61 -18.86
C LEU F 30 -9.12 -48.22 -17.44
N LEU F 31 -9.74 -47.17 -16.90
CA LEU F 31 -9.54 -46.83 -15.51
C LEU F 31 -10.01 -47.97 -14.62
N ASP F 32 -11.23 -48.47 -14.90
CA ASP F 32 -11.76 -49.60 -14.15
C ASP F 32 -10.77 -50.74 -14.15
N VAL F 33 -10.13 -50.99 -15.29
CA VAL F 33 -9.17 -52.08 -15.42
C VAL F 33 -7.96 -51.87 -14.51
N VAL F 34 -7.41 -50.67 -14.54
CA VAL F 34 -6.29 -50.36 -13.68
C VAL F 34 -6.64 -50.55 -12.19
N VAL F 35 -7.82 -50.09 -11.78
CA VAL F 35 -8.22 -50.10 -10.38
C VAL F 35 -8.66 -51.48 -9.92
N GLU F 36 -9.56 -52.11 -10.69
CA GLU F 36 -10.10 -53.40 -10.30
C GLU F 36 -9.03 -54.51 -10.29
N ASN F 37 -7.93 -54.30 -11.01
CA ASN F 37 -6.81 -55.25 -10.99
C ASN F 37 -5.59 -54.76 -10.19
N ASN F 38 -5.71 -53.63 -9.51
CA ASN F 38 -4.67 -53.17 -8.60
C ASN F 38 -3.29 -53.21 -9.24
N LEU F 39 -3.17 -52.56 -10.40
CA LEU F 39 -1.91 -52.43 -11.16
C LEU F 39 -0.98 -51.35 -10.56
N ASP F 40 0.32 -51.53 -10.79
CA ASP F 40 1.35 -50.70 -10.17
C ASP F 40 1.55 -49.36 -10.92
N ILE F 41 0.49 -48.54 -11.02
CA ILE F 41 0.57 -47.22 -11.65
C ILE F 41 0.22 -46.12 -10.67
N ASP F 42 1.21 -45.33 -10.28
CA ASP F 42 1.01 -44.32 -9.25
C ASP F 42 0.26 -43.16 -9.85
N GLY F 43 -0.68 -42.57 -9.11
CA GLY F 43 -1.30 -41.30 -9.48
C GLY F 43 -2.40 -41.38 -10.52
N PHE F 44 -2.61 -42.56 -11.09
CA PHE F 44 -3.53 -42.73 -12.22
C PHE F 44 -5.00 -42.67 -11.79
N GLY F 45 -5.79 -41.76 -12.34
CA GLY F 45 -7.20 -41.67 -12.05
C GLY F 45 -7.55 -40.96 -10.75
N ALA F 46 -6.94 -39.81 -10.51
CA ALA F 46 -7.22 -39.04 -9.32
C ALA F 46 -8.69 -38.64 -9.16
N CYS F 47 -9.37 -38.23 -10.24
CA CYS F 47 -10.76 -37.76 -10.15
C CYS F 47 -11.76 -38.91 -10.13
N GLU F 48 -11.24 -40.13 -10.16
CA GLU F 48 -12.07 -41.32 -10.16
C GLU F 48 -13.04 -41.35 -11.33
N GLY F 49 -12.59 -40.87 -12.47
CA GLY F 49 -13.34 -41.01 -13.72
C GLY F 49 -14.48 -40.04 -13.88
N THR F 50 -14.40 -38.86 -13.27
CA THR F 50 -15.45 -37.84 -13.40
C THR F 50 -15.07 -36.71 -14.33
N LEU F 51 -14.11 -36.97 -15.22
CA LEU F 51 -13.63 -35.97 -16.21
C LEU F 51 -13.24 -34.66 -15.55
N ALA F 52 -12.44 -34.75 -14.51
CA ALA F 52 -11.99 -33.57 -13.80
C ALA F 52 -10.47 -33.54 -13.56
N CYS F 53 -9.74 -34.55 -14.01
CA CYS F 53 -8.28 -34.51 -13.97
C CYS F 53 -7.74 -34.91 -15.34
N SER F 54 -6.43 -34.98 -15.48
CA SER F 54 -5.88 -35.50 -16.73
C SER F 54 -5.00 -36.68 -16.46
N THR F 55 -5.19 -37.33 -15.32
CA THR F 55 -4.25 -38.32 -14.83
C THR F 55 -4.48 -39.70 -15.41
N CYS F 56 -5.65 -39.95 -16.01
CA CYS F 56 -5.96 -41.20 -16.72
C CYS F 56 -5.46 -41.19 -18.15
N HIS F 57 -4.65 -40.21 -18.51
CA HIS F 57 -4.06 -40.09 -19.84
C HIS F 57 -3.40 -41.39 -20.27
N LEU F 58 -3.75 -41.87 -21.46
CA LEU F 58 -3.12 -43.04 -22.07
C LEU F 58 -2.82 -42.79 -23.54
N ILE F 59 -1.83 -43.48 -24.06
CA ILE F 59 -1.48 -43.44 -25.49
C ILE F 59 -1.85 -44.78 -26.12
N PHE F 60 -2.50 -44.72 -27.29
CA PHE F 60 -3.08 -45.89 -27.92
C PHE F 60 -2.39 -46.26 -29.23
N GLU F 61 -2.51 -47.52 -29.62
CA GLU F 61 -2.03 -47.98 -30.92
C GLU F 61 -2.83 -47.35 -32.05
N ASP F 62 -2.17 -47.11 -33.16
CA ASP F 62 -2.78 -46.50 -34.34
C ASP F 62 -4.20 -47.06 -34.59
N HIS F 63 -4.25 -48.35 -34.88
CA HIS F 63 -5.49 -48.94 -35.35
C HIS F 63 -6.59 -49.05 -34.30
N ILE F 64 -6.25 -48.94 -33.03
CA ILE F 64 -7.23 -48.84 -31.96
C ILE F 64 -7.77 -47.42 -31.85
N TYR F 65 -6.84 -46.46 -31.83
CA TYR F 65 -7.17 -45.03 -31.73
C TYR F 65 -8.19 -44.63 -32.77
N GLU F 66 -7.91 -44.96 -34.02
CA GLU F 66 -8.79 -44.69 -35.16
C GLU F 66 -10.28 -45.09 -34.97
N LYS F 67 -10.52 -46.12 -34.13
CA LYS F 67 -11.85 -46.70 -33.97
C LYS F 67 -12.58 -46.23 -32.71
N LEU F 68 -11.94 -45.40 -31.90
CA LEU F 68 -12.52 -45.00 -30.60
C LEU F 68 -13.70 -44.06 -30.81
N ASP F 69 -14.60 -44.05 -29.84
CA ASP F 69 -15.77 -43.18 -29.91
C ASP F 69 -15.27 -41.76 -30.08
N ALA F 70 -15.96 -40.97 -30.88
CA ALA F 70 -15.62 -39.56 -31.05
C ALA F 70 -15.48 -38.88 -29.69
N ILE F 71 -14.48 -38.02 -29.58
CA ILE F 71 -14.19 -37.36 -28.32
C ILE F 71 -15.21 -36.26 -27.97
N THR F 72 -15.77 -36.29 -26.77
CA THR F 72 -16.75 -35.24 -26.37
C THR F 72 -16.02 -33.98 -25.99
N ASP F 73 -16.76 -32.87 -25.96
CA ASP F 73 -16.20 -31.57 -25.59
C ASP F 73 -15.65 -31.64 -24.18
N GLU F 74 -16.41 -32.24 -23.29
CA GLU F 74 -15.99 -32.45 -21.92
C GLU F 74 -14.63 -33.13 -21.83
N GLU F 75 -14.48 -34.29 -22.50
CA GLU F 75 -13.20 -34.98 -22.48
C GLU F 75 -12.12 -34.08 -23.02
N ASN F 76 -12.40 -33.39 -24.12
CA ASN F 76 -11.39 -32.59 -24.78
C ASN F 76 -10.82 -31.47 -23.90
N ASP F 77 -11.71 -30.85 -23.13
CA ASP F 77 -11.31 -29.87 -22.16
C ASP F 77 -10.23 -30.39 -21.20
N MET F 78 -10.44 -31.58 -20.66
CA MET F 78 -9.48 -32.15 -19.74
C MET F 78 -8.28 -32.71 -20.46
N LEU F 79 -8.50 -33.24 -21.67
CA LEU F 79 -7.40 -33.81 -22.43
C LEU F 79 -6.41 -32.72 -22.82
N ASP F 80 -6.91 -31.50 -23.07
CA ASP F 80 -5.99 -30.41 -23.40
C ASP F 80 -4.95 -30.18 -22.30
N LEU F 81 -5.34 -30.49 -21.06
CA LEU F 81 -4.48 -30.28 -19.91
C LEU F 81 -3.59 -31.48 -19.63
N ALA F 82 -3.64 -32.51 -20.44
CA ALA F 82 -2.77 -33.67 -20.24
C ALA F 82 -1.32 -33.23 -20.52
N TYR F 83 -0.40 -33.60 -19.64
CA TYR F 83 0.99 -33.31 -19.89
C TYR F 83 1.51 -34.26 -20.93
N GLY F 84 2.21 -33.71 -21.91
CA GLY F 84 2.75 -34.49 -23.02
C GLY F 84 1.73 -35.04 -23.98
N LEU F 85 0.67 -34.28 -24.21
CA LEU F 85 -0.42 -34.66 -25.14
C LEU F 85 0.05 -35.01 -26.53
N THR F 86 -0.41 -36.14 -27.03
CA THR F 86 0.00 -36.67 -28.33
C THR F 86 -1.20 -36.81 -29.22
N ASP F 87 -0.93 -37.04 -30.49
CA ASP F 87 -1.99 -37.34 -31.45
C ASP F 87 -2.56 -38.77 -31.35
N ARG F 88 -2.18 -39.53 -30.32
CA ARG F 88 -2.81 -40.84 -30.02
C ARG F 88 -3.27 -40.88 -28.57
N SER F 89 -3.38 -39.71 -27.93
CA SER F 89 -3.79 -39.63 -26.55
C SER F 89 -5.30 -39.61 -26.36
N ARG F 90 -5.76 -40.31 -25.33
CA ARG F 90 -7.13 -40.17 -24.84
C ARG F 90 -7.11 -40.33 -23.35
N LEU F 91 -8.22 -40.01 -22.70
CA LEU F 91 -8.36 -40.16 -21.28
C LEU F 91 -8.91 -41.54 -21.03
N GLY F 92 -8.09 -42.41 -20.43
CA GLY F 92 -8.39 -43.85 -20.35
C GLY F 92 -9.71 -44.19 -19.69
N CYS F 93 -10.25 -43.21 -19.01
CA CYS F 93 -11.43 -43.44 -18.22
C CYS F 93 -12.70 -43.19 -18.98
N GLN F 94 -12.56 -42.63 -20.18
CA GLN F 94 -13.66 -42.50 -21.09
C GLN F 94 -13.65 -43.59 -22.17
N ILE F 95 -12.57 -44.37 -22.22
CA ILE F 95 -12.43 -45.41 -23.22
C ILE F 95 -12.83 -46.77 -22.68
N CYS F 96 -13.88 -47.35 -23.26
CA CYS F 96 -14.39 -48.64 -22.84
C CYS F 96 -13.89 -49.77 -23.73
N LEU F 97 -13.59 -50.89 -23.10
CA LEU F 97 -13.10 -52.06 -23.82
C LEU F 97 -14.13 -52.64 -24.77
N THR F 98 -13.71 -52.86 -26.01
CA THR F 98 -14.51 -53.59 -26.99
C THR F 98 -13.79 -54.87 -27.35
N LYS F 99 -14.53 -55.84 -27.87
CA LYS F 99 -13.95 -57.14 -28.22
C LYS F 99 -12.71 -56.97 -29.14
N SER F 100 -12.71 -55.98 -30.01
CA SER F 100 -11.63 -55.82 -30.97
C SER F 100 -10.33 -55.27 -30.34
N MET F 101 -10.39 -54.94 -29.05
CA MET F 101 -9.22 -54.43 -28.34
C MET F 101 -8.34 -55.54 -27.75
N ASP F 102 -8.75 -56.79 -27.90
CA ASP F 102 -7.99 -57.89 -27.30
C ASP F 102 -6.51 -57.84 -27.72
N ASN F 103 -5.61 -57.95 -26.75
CA ASN F 103 -4.16 -57.88 -26.94
C ASN F 103 -3.61 -56.54 -27.43
N MET F 104 -4.36 -55.46 -27.25
CA MET F 104 -3.81 -54.14 -27.51
C MET F 104 -2.81 -53.75 -26.41
N THR F 105 -1.95 -52.82 -26.76
CA THR F 105 -1.00 -52.23 -25.81
C THR F 105 -1.29 -50.74 -25.69
N VAL F 106 -1.44 -50.26 -24.46
CA VAL F 106 -1.54 -48.82 -24.21
C VAL F 106 -0.33 -48.43 -23.41
N ARG F 107 0.13 -47.20 -23.56
CA ARG F 107 1.27 -46.73 -22.77
C ARG F 107 0.84 -45.63 -21.80
N VAL F 108 1.31 -45.72 -20.56
CA VAL F 108 1.13 -44.67 -19.56
C VAL F 108 2.28 -43.69 -19.74
N PRO F 109 1.95 -42.45 -20.14
CA PRO F 109 2.99 -41.44 -20.41
C PRO F 109 3.52 -40.84 -19.15
N GLU F 110 4.67 -40.19 -19.22
CA GLU F 110 5.25 -39.56 -18.02
C GLU F 110 4.46 -38.34 -17.58
N THR F 111 4.48 -38.05 -16.29
CA THR F 111 3.78 -36.90 -15.77
C THR F 111 4.69 -35.70 -15.82
N VAL F 112 4.10 -34.53 -15.59
CA VAL F 112 4.87 -33.30 -15.52
C VAL F 112 5.94 -33.40 -14.43
N ALA F 113 5.62 -34.12 -13.36
CA ALA F 113 6.56 -34.26 -12.24
C ALA F 113 7.77 -35.10 -12.65
N ASP F 114 7.56 -36.11 -13.48
CA ASP F 114 8.67 -36.96 -13.95
C ASP F 114 9.62 -36.12 -14.75
N ALA F 115 9.09 -35.16 -15.50
CA ALA F 115 9.88 -34.38 -16.46
C ALA F 115 10.59 -33.24 -15.79
N ARG F 116 10.06 -32.80 -14.67
CA ARG F 116 10.51 -31.56 -14.06
C ARG F 116 11.91 -31.76 -13.49
N GLN F 117 12.87 -30.96 -13.97
CA GLN F 117 14.21 -31.02 -13.39
C GLN F 117 14.33 -30.08 -12.18
N SER F 118 13.63 -28.95 -12.22
CA SER F 118 13.58 -28.06 -11.05
C SER F 118 12.30 -27.24 -10.96
N ILE F 119 12.10 -26.63 -9.78
CA ILE F 119 10.88 -25.89 -9.47
C ILE F 119 11.14 -24.46 -9.84
N ASP F 120 10.17 -23.81 -10.50
CA ASP F 120 10.36 -22.41 -10.83
C ASP F 120 10.29 -21.46 -9.61
N VAL F 121 10.88 -20.29 -9.82
CA VAL F 121 10.81 -19.17 -8.91
C VAL F 121 9.44 -18.54 -9.06
N GLY F 122 8.73 -18.46 -7.96
CA GLY F 122 7.38 -17.94 -7.93
C GLY F 122 7.41 -16.44 -7.81
N LYS F 123 6.43 -15.80 -8.41
CA LYS F 123 6.51 -14.39 -8.67
C LYS F 123 5.08 -13.97 -8.93
N THR F 124 4.60 -12.94 -8.26
CA THR F 124 3.24 -12.45 -8.56
C THR F 124 3.30 -11.36 -9.62
N SER F 125 4.24 -10.41 -9.53
CA SER F 125 4.53 -9.53 -10.71
C SER F 125 6.02 -9.41 -11.14
N ALA F 126 6.22 -8.88 -12.35
CA ALA F 126 7.58 -8.56 -12.80
C ALA F 126 8.01 -7.21 -12.26
N GLU F 127 7.33 -6.73 -11.21
CA GLU F 127 7.42 -5.33 -10.84
C GLU F 127 8.32 -5.09 -9.64
N ASN F 128 9.18 -4.08 -9.77
CA ASN F 128 10.05 -3.57 -8.71
C ASN F 128 9.28 -3.10 -7.49
N LEU F 129 9.81 -3.42 -6.32
CA LEU F 129 9.19 -3.02 -5.06
C LEU F 129 9.18 -1.50 -4.91
N TYR F 130 10.25 -0.87 -5.40
CA TYR F 130 10.39 0.58 -5.37
C TYR F 130 9.15 1.30 -5.93
N PHE F 131 8.54 0.74 -6.98
CA PHE F 131 7.37 1.33 -7.59
C PHE F 131 6.10 1.01 -6.79
N GLN F 132 5.98 -0.22 -6.31
CA GLN F 132 4.77 -0.63 -5.58
C GLN F 132 4.84 -0.15 -4.15
N GLU G 5 30.47 2.48 -20.20
CA GLU G 5 29.34 1.69 -19.63
C GLU G 5 28.53 2.54 -18.64
N ASP G 6 27.20 2.35 -18.70
CA ASP G 6 26.25 3.20 -17.99
C ASP G 6 26.16 2.88 -16.48
N LYS G 7 25.42 3.73 -15.76
CA LYS G 7 25.18 3.54 -14.33
C LYS G 7 23.70 3.29 -14.07
N ILE G 8 23.42 2.46 -13.07
CA ILE G 8 22.05 2.13 -12.64
C ILE G 8 21.81 2.34 -11.13
N THR G 9 20.54 2.46 -10.76
CA THR G 9 20.14 2.69 -9.39
C THR G 9 19.81 1.37 -8.65
N VAL G 10 20.37 1.21 -7.45
CA VAL G 10 20.08 0.09 -6.59
C VAL G 10 19.67 0.60 -5.24
N HIS G 11 18.57 0.08 -4.73
CA HIS G 11 18.10 0.36 -3.39
C HIS G 11 18.53 -0.78 -2.46
N PHE G 12 19.10 -0.44 -1.30
CA PHE G 12 19.42 -1.38 -0.25
C PHE G 12 18.54 -1.17 0.95
N ILE G 13 17.95 -2.24 1.48
CA ILE G 13 17.31 -2.17 2.76
C ILE G 13 18.31 -2.69 3.79
N ASN G 14 18.66 -1.84 4.76
CA ASN G 14 19.66 -2.15 5.77
C ASN G 14 19.10 -3.02 6.86
N ARG G 15 19.98 -3.56 7.69
CA ARG G 15 19.55 -4.36 8.83
C ARG G 15 18.66 -3.53 9.72
N ASP G 16 18.99 -2.23 9.81
CA ASP G 16 18.22 -1.20 10.52
C ASP G 16 16.82 -0.96 9.98
N GLY G 17 16.56 -1.35 8.75
CA GLY G 17 15.27 -1.14 8.15
C GLY G 17 15.24 0.16 7.38
N GLU G 18 16.42 0.76 7.23
CA GLU G 18 16.53 2.01 6.52
C GLU G 18 16.90 1.75 5.06
N THR G 19 16.34 2.52 4.15
CA THR G 19 16.57 2.30 2.73
C THR G 19 17.63 3.25 2.22
N LEU G 20 18.68 2.71 1.62
CA LEU G 20 19.75 3.52 1.06
C LEU G 20 19.65 3.39 -0.44
N THR G 21 19.59 4.51 -1.15
CA THR G 21 19.55 4.50 -2.60
C THR G 21 20.90 4.96 -3.12
N THR G 22 21.46 4.23 -4.06
CA THR G 22 22.75 4.57 -4.60
C THR G 22 22.81 4.23 -6.07
N LYS G 23 23.94 4.52 -6.69
CA LYS G 23 24.10 4.31 -8.11
C LYS G 23 25.36 3.48 -8.36
N GLY G 24 25.24 2.43 -9.17
CA GLY G 24 26.39 1.58 -9.47
C GLY G 24 26.62 1.43 -10.97
N LYS G 25 27.87 1.13 -11.33
CA LYS G 25 28.22 0.92 -12.73
C LYS G 25 27.80 -0.47 -13.15
N VAL G 26 27.27 -0.59 -14.36
CA VAL G 26 26.99 -1.89 -14.92
C VAL G 26 28.31 -2.67 -14.96
N GLY G 27 28.29 -3.94 -14.58
CA GLY G 27 29.50 -4.75 -14.51
C GLY G 27 30.16 -4.82 -13.15
N ASP G 28 29.84 -3.89 -12.24
CA ASP G 28 30.36 -3.91 -10.86
C ASP G 28 29.60 -4.96 -10.02
N SER G 29 30.28 -5.55 -9.04
CA SER G 29 29.63 -6.46 -8.09
C SER G 29 28.89 -5.63 -7.05
N LEU G 30 27.88 -6.21 -6.44
CA LEU G 30 27.17 -5.50 -5.40
C LEU G 30 28.07 -5.16 -4.23
N LEU G 31 29.09 -5.97 -3.97
CA LEU G 31 30.09 -5.62 -2.97
C LEU G 31 30.78 -4.35 -3.37
N ASP G 32 31.24 -4.28 -4.62
CA ASP G 32 31.90 -3.08 -5.14
C ASP G 32 31.03 -1.86 -4.89
N VAL G 33 29.72 -2.00 -5.09
CA VAL G 33 28.80 -0.89 -4.93
C VAL G 33 28.78 -0.42 -3.49
N VAL G 34 28.67 -1.35 -2.55
CA VAL G 34 28.68 -1.02 -1.15
C VAL G 34 29.97 -0.27 -0.75
N VAL G 35 31.11 -0.78 -1.21
CA VAL G 35 32.41 -0.24 -0.83
C VAL G 35 32.73 1.07 -1.53
N GLU G 36 32.59 1.09 -2.85
CA GLU G 36 32.93 2.28 -3.61
C GLU G 36 32.03 3.48 -3.30
N ASN G 37 30.85 3.23 -2.73
CA ASN G 37 29.96 4.31 -2.30
C ASN G 37 29.88 4.50 -0.79
N ASN G 38 30.70 3.76 -0.05
CA ASN G 38 30.85 3.95 1.39
C ASN G 38 29.49 4.03 2.08
N LEU G 39 28.69 2.97 1.89
CA LEU G 39 27.37 2.82 2.52
C LEU G 39 27.47 2.35 3.96
N ASP G 40 26.44 2.67 4.75
CA ASP G 40 26.43 2.44 6.20
C ASP G 40 26.04 0.98 6.57
N ILE G 41 26.79 -0.01 6.07
CA ILE G 41 26.56 -1.42 6.37
C ILE G 41 27.76 -2.03 7.09
N ASP G 42 27.59 -2.35 8.36
CA ASP G 42 28.71 -2.82 9.16
C ASP G 42 28.98 -4.27 8.81
N GLY G 43 30.26 -4.66 8.73
CA GLY G 43 30.65 -6.07 8.62
C GLY G 43 30.53 -6.68 7.24
N PHE G 44 30.00 -5.94 6.28
CA PHE G 44 29.70 -6.47 4.95
C PHE G 44 30.95 -6.64 4.09
N GLY G 45 31.23 -7.85 3.63
CA GLY G 45 32.35 -8.10 2.74
C GLY G 45 33.69 -8.27 3.43
N ALA G 46 33.73 -9.02 4.51
CA ALA G 46 34.96 -9.27 5.24
C ALA G 46 36.07 -9.86 4.36
N CYS G 47 35.78 -10.85 3.53
CA CYS G 47 36.83 -11.50 2.72
C CYS G 47 37.22 -10.72 1.48
N GLU G 48 36.63 -9.53 1.32
CA GLU G 48 36.88 -8.67 0.18
C GLU G 48 36.61 -9.35 -1.14
N GLY G 49 35.57 -10.17 -1.17
CA GLY G 49 35.08 -10.76 -2.40
C GLY G 49 35.88 -11.92 -2.93
N THR G 50 36.53 -12.68 -2.04
CA THR G 50 37.30 -13.86 -2.45
C THR G 50 36.61 -15.17 -2.15
N LEU G 51 35.29 -15.12 -1.98
CA LEU G 51 34.47 -16.30 -1.68
C LEU G 51 34.99 -17.09 -0.49
N ALA G 52 35.25 -16.38 0.60
CA ALA G 52 35.76 -17.01 1.79
C ALA G 52 35.00 -16.61 3.05
N CYS G 53 33.99 -15.76 2.94
CA CYS G 53 33.11 -15.46 4.05
C CYS G 53 31.65 -15.61 3.62
N SER G 54 30.72 -15.30 4.49
CA SER G 54 29.34 -15.27 4.06
C SER G 54 28.73 -13.92 4.35
N THR G 55 29.58 -12.90 4.48
CA THR G 55 29.13 -11.63 5.02
C THR G 55 28.54 -10.71 3.94
N CYS G 56 28.77 -11.02 2.65
CA CYS G 56 28.16 -10.30 1.54
C CYS G 56 26.76 -10.82 1.20
N HIS G 57 26.21 -11.64 2.07
CA HIS G 57 24.85 -12.20 1.89
C HIS G 57 23.82 -11.12 1.63
N LEU G 58 23.07 -11.26 0.54
CA LEU G 58 21.95 -10.37 0.21
C LEU G 58 20.75 -11.18 -0.19
N ILE G 59 19.58 -10.59 -0.03
CA ILE G 59 18.32 -11.17 -0.48
C ILE G 59 17.79 -10.35 -1.65
N PHE G 60 17.33 -11.04 -2.70
CA PHE G 60 16.96 -10.40 -3.96
C PHE G 60 15.46 -10.50 -4.23
N GLU G 61 14.97 -9.59 -5.08
CA GLU G 61 13.60 -9.64 -5.55
C GLU G 61 13.40 -10.87 -6.44
N ASP G 62 12.20 -11.42 -6.41
CA ASP G 62 11.82 -12.60 -7.20
C ASP G 62 12.38 -12.53 -8.63
N HIS G 63 11.95 -11.53 -9.37
CA HIS G 63 12.24 -11.49 -10.79
C HIS G 63 13.69 -11.19 -11.14
N ILE G 64 14.44 -10.63 -10.22
CA ILE G 64 15.88 -10.46 -10.38
C ILE G 64 16.62 -11.78 -10.10
N TYR G 65 16.26 -12.42 -8.99
CA TYR G 65 16.86 -13.69 -8.57
C TYR G 65 16.80 -14.70 -9.68
N GLU G 66 15.60 -14.87 -10.24
CA GLU G 66 15.35 -15.80 -11.34
C GLU G 66 16.34 -15.71 -12.53
N LYS G 67 16.89 -14.51 -12.73
CA LYS G 67 17.73 -14.22 -13.89
C LYS G 67 19.24 -14.23 -13.61
N LEU G 68 19.63 -14.49 -12.36
CA LEU G 68 21.04 -14.39 -11.98
C LEU G 68 21.83 -15.56 -12.56
N ASP G 69 23.12 -15.33 -12.75
CA ASP G 69 23.98 -16.39 -13.28
C ASP G 69 23.86 -17.60 -12.38
N ALA G 70 23.86 -18.79 -12.96
CA ALA G 70 23.83 -20.03 -12.19
C ALA G 70 24.92 -20.03 -11.10
N ILE G 71 24.56 -20.48 -9.92
CA ILE G 71 25.45 -20.44 -8.78
C ILE G 71 26.56 -21.48 -8.88
N THR G 72 27.82 -21.07 -8.71
CA THR G 72 28.95 -22.02 -8.80
C THR G 72 29.05 -22.82 -7.53
N ASP G 73 29.77 -23.93 -7.59
CA ASP G 73 29.98 -24.78 -6.41
C ASP G 73 30.66 -23.96 -5.32
N GLU G 74 31.69 -23.22 -5.73
CA GLU G 74 32.42 -22.35 -4.82
C GLU G 74 31.51 -21.42 -4.05
N GLU G 75 30.67 -20.67 -4.76
CA GLU G 75 29.71 -19.78 -4.08
C GLU G 75 28.85 -20.58 -3.16
N ASN G 76 28.34 -21.71 -3.64
CA ASN G 76 27.37 -22.48 -2.86
C ASN G 76 27.95 -22.95 -1.51
N ASP G 77 29.21 -23.31 -1.51
CA ASP G 77 29.89 -23.68 -0.28
C ASP G 77 29.81 -22.59 0.78
N MET G 78 30.09 -21.36 0.39
CA MET G 78 30.06 -20.27 1.32
C MET G 78 28.65 -19.81 1.60
N LEU G 79 27.77 -19.94 0.62
CA LEU G 79 26.38 -19.55 0.80
C LEU G 79 25.71 -20.44 1.80
N ASP G 80 26.08 -21.72 1.83
CA ASP G 80 25.52 -22.62 2.83
C ASP G 80 25.75 -22.12 4.25
N LEU G 81 26.85 -21.39 4.45
CA LEU G 81 27.20 -20.90 5.78
C LEU G 81 26.62 -19.52 6.07
N ALA G 82 25.83 -18.98 5.16
CA ALA G 82 25.18 -17.70 5.43
C ALA G 82 24.16 -17.92 6.55
N TYR G 83 24.14 -17.02 7.52
CA TYR G 83 23.14 -17.08 8.58
C TYR G 83 21.81 -16.58 8.04
N GLY G 84 20.77 -17.35 8.28
CA GLY G 84 19.42 -17.03 7.80
C GLY G 84 19.23 -17.19 6.31
N LEU G 85 19.87 -18.18 5.74
CA LEU G 85 19.79 -18.49 4.31
C LEU G 85 18.38 -18.68 3.81
N THR G 86 18.05 -18.02 2.71
CA THR G 86 16.70 -17.99 2.16
C THR G 86 16.75 -18.52 0.77
N ASP G 87 15.58 -18.79 0.22
CA ASP G 87 15.47 -19.18 -1.19
C ASP G 87 15.55 -18.02 -2.17
N ARG G 88 15.98 -16.83 -1.72
CA ARG G 88 16.31 -15.70 -2.60
C ARG G 88 17.68 -15.13 -2.23
N SER G 89 18.48 -15.91 -1.51
CA SER G 89 19.80 -15.47 -1.09
C SER G 89 20.86 -15.72 -2.12
N ARG G 90 21.79 -14.76 -2.26
CA ARG G 90 23.03 -14.96 -2.97
C ARG G 90 24.10 -14.15 -2.26
N LEU G 91 25.36 -14.39 -2.64
CA LEU G 91 26.48 -13.68 -2.09
C LEU G 91 26.71 -12.48 -2.98
N GLY G 92 26.46 -11.29 -2.45
CA GLY G 92 26.39 -10.06 -3.26
C GLY G 92 27.65 -9.80 -4.07
N CYS G 93 28.70 -10.47 -3.68
CA CYS G 93 29.99 -10.16 -4.27
C CYS G 93 30.27 -10.97 -5.51
N GLN G 94 29.41 -11.95 -5.77
CA GLN G 94 29.43 -12.70 -7.00
C GLN G 94 28.40 -12.19 -8.00
N ILE G 95 27.50 -11.31 -7.56
CA ILE G 95 26.44 -10.81 -8.39
C ILE G 95 26.81 -9.47 -9.01
N CYS G 96 26.88 -9.45 -10.33
CA CYS G 96 27.23 -8.26 -11.08
C CYS G 96 26.02 -7.52 -11.64
N LEU G 97 26.06 -6.20 -11.58
CA LEU G 97 24.96 -5.38 -12.07
C LEU G 97 24.78 -5.51 -13.56
N THR G 98 23.53 -5.76 -13.97
CA THR G 98 23.15 -5.72 -15.38
C THR G 98 22.13 -4.61 -15.57
N LYS G 99 22.00 -4.16 -16.81
CA LYS G 99 21.10 -3.04 -17.13
C LYS G 99 19.66 -3.32 -16.58
N SER G 100 19.24 -4.56 -16.56
CA SER G 100 17.87 -4.89 -16.16
C SER G 100 17.65 -4.81 -14.65
N MET G 101 18.72 -4.56 -13.90
CA MET G 101 18.65 -4.44 -12.46
C MET G 101 18.32 -3.04 -11.97
N ASP G 102 18.18 -2.07 -12.88
CA ASP G 102 17.91 -0.70 -12.49
C ASP G 102 16.68 -0.60 -11.59
N ASN G 103 16.83 0.09 -10.46
CA ASN G 103 15.77 0.27 -9.44
C ASN G 103 15.34 -0.99 -8.70
N MET G 104 16.18 -2.02 -8.70
CA MET G 104 15.93 -3.17 -7.85
C MET G 104 16.21 -2.80 -6.40
N THR G 105 15.63 -3.60 -5.52
CA THR G 105 15.86 -3.51 -4.09
C THR G 105 16.46 -4.85 -3.59
N VAL G 106 17.57 -4.75 -2.88
CA VAL G 106 18.13 -5.92 -2.22
C VAL G 106 18.08 -5.64 -0.73
N ARG G 107 17.94 -6.68 0.07
CA ARG G 107 17.93 -6.50 1.53
C ARG G 107 19.17 -7.13 2.16
N VAL G 108 19.76 -6.42 3.11
CA VAL G 108 20.83 -6.95 3.94
C VAL G 108 20.21 -7.65 5.15
N PRO G 109 20.37 -8.96 5.23
CA PRO G 109 19.74 -9.73 6.29
C PRO G 109 20.49 -9.60 7.59
N GLU G 110 19.85 -9.95 8.70
CA GLU G 110 20.51 -9.87 9.99
C GLU G 110 21.61 -10.92 10.14
N THR G 111 22.61 -10.62 10.94
CA THR G 111 23.71 -11.54 11.16
C THR G 111 23.37 -12.43 12.34
N VAL G 112 24.17 -13.46 12.53
CA VAL G 112 24.01 -14.33 13.68
C VAL G 112 24.15 -13.53 15.00
N ALA G 113 24.99 -12.52 15.00
CA ALA G 113 25.17 -11.67 16.19
C ALA G 113 23.93 -10.87 16.54
N ASP G 114 23.15 -10.44 15.55
CA ASP G 114 21.94 -9.66 15.79
C ASP G 114 20.87 -10.49 16.48
N ALA G 115 20.85 -11.78 16.15
CA ALA G 115 19.78 -12.70 16.62
C ALA G 115 20.16 -13.34 17.91
N ARG G 116 21.43 -13.35 18.23
CA ARG G 116 21.89 -14.10 19.39
C ARG G 116 21.42 -13.39 20.64
N GLN G 117 20.65 -14.08 21.47
CA GLN G 117 20.26 -13.51 22.77
C GLN G 117 21.27 -13.87 23.86
N SER G 118 21.90 -15.03 23.75
CA SER G 118 22.91 -15.39 24.72
C SER G 118 24.04 -16.20 24.10
N ILE G 119 25.19 -16.17 24.77
CA ILE G 119 26.39 -16.90 24.35
C ILE G 119 26.33 -18.27 24.99
N ASP G 120 26.40 -19.33 24.21
CA ASP G 120 26.38 -20.68 24.78
C ASP G 120 27.52 -20.97 25.77
N VAL G 121 27.24 -21.89 26.67
CA VAL G 121 28.22 -22.50 27.54
C VAL G 121 29.07 -23.43 26.72
N GLY G 122 30.35 -23.16 26.72
CA GLY G 122 31.30 -23.94 25.96
C GLY G 122 31.73 -25.18 26.71
N LYS G 123 32.19 -26.17 25.97
CA LYS G 123 32.21 -27.55 26.42
C LYS G 123 33.05 -28.32 25.41
N THR G 124 34.03 -29.10 25.84
CA THR G 124 34.74 -29.97 24.89
C THR G 124 34.13 -31.36 24.93
N SER G 125 33.60 -31.78 26.08
CA SER G 125 32.75 -32.98 26.13
C SER G 125 31.69 -33.03 27.24
N ALA G 126 30.75 -33.96 27.11
CA ALA G 126 29.80 -34.24 28.18
C ALA G 126 30.40 -35.13 29.25
N GLU G 127 31.66 -35.54 29.09
CA GLU G 127 32.26 -36.52 30.01
C GLU G 127 32.55 -35.93 31.39
N ASN G 128 32.15 -36.69 32.42
CA ASN G 128 32.36 -36.34 33.83
C ASN G 128 33.82 -36.36 34.17
N LEU G 129 34.24 -35.38 34.98
CA LEU G 129 35.64 -35.30 35.39
C LEU G 129 36.12 -36.61 36.07
N TYR G 130 35.27 -37.22 36.90
CA TYR G 130 35.67 -38.43 37.62
C TYR G 130 36.21 -39.47 36.64
N PHE G 131 35.42 -39.74 35.61
CA PHE G 131 35.77 -40.72 34.56
C PHE G 131 37.05 -40.29 33.83
N GLN G 132 37.12 -39.00 33.49
CA GLN G 132 38.26 -38.44 32.77
C GLN G 132 39.45 -38.23 33.70
N GLU H 5 -26.91 21.79 -48.82
CA GLU H 5 -25.53 22.17 -49.20
C GLU H 5 -25.13 23.57 -48.64
N ASP H 6 -25.95 24.12 -47.73
CA ASP H 6 -25.74 25.46 -47.16
C ASP H 6 -25.29 25.42 -45.69
N LYS H 7 -24.17 24.72 -45.44
CA LYS H 7 -23.61 24.52 -44.07
C LYS H 7 -22.22 25.17 -43.90
N ILE H 8 -22.05 25.98 -42.84
CA ILE H 8 -20.85 26.83 -42.66
C ILE H 8 -19.91 26.41 -41.51
N THR H 9 -18.65 26.80 -41.63
CA THR H 9 -17.61 26.36 -40.74
C THR H 9 -17.38 27.40 -39.64
N VAL H 10 -17.35 26.94 -38.40
CA VAL H 10 -17.06 27.79 -37.26
C VAL H 10 -15.93 27.16 -36.43
N HIS H 11 -14.93 27.98 -36.10
CA HIS H 11 -13.84 27.58 -35.26
C HIS H 11 -14.10 28.07 -33.83
N PHE H 12 -13.94 27.18 -32.86
CA PHE H 12 -14.04 27.54 -31.43
C PHE H 12 -12.68 27.43 -30.79
N ILE H 13 -12.27 28.46 -30.07
CA ILE H 13 -11.11 28.35 -29.22
C ILE H 13 -11.60 28.06 -27.81
N ASN H 14 -11.22 26.90 -27.30
CA ASN H 14 -11.68 26.42 -26.00
C ASN H 14 -10.95 27.11 -24.86
N ARG H 15 -11.49 26.95 -23.66
CA ARG H 15 -10.85 27.47 -22.46
C ARG H 15 -9.44 26.92 -22.34
N ASP H 16 -9.29 25.67 -22.79
CA ASP H 16 -8.00 24.97 -22.88
C ASP H 16 -6.99 25.60 -23.81
N GLY H 17 -7.48 26.39 -24.76
CA GLY H 17 -6.62 26.99 -25.78
C GLY H 17 -6.60 26.15 -27.05
N GLU H 18 -7.44 25.12 -27.08
CA GLU H 18 -7.46 24.18 -28.18
C GLU H 18 -8.53 24.62 -29.17
N THR H 19 -8.23 24.49 -30.46
CA THR H 19 -9.16 24.95 -31.48
C THR H 19 -9.97 23.80 -32.01
N LEU H 20 -11.29 23.92 -31.93
CA LEU H 20 -12.21 22.92 -32.45
C LEU H 20 -12.90 23.49 -33.68
N THR H 21 -12.81 22.77 -34.79
CA THR H 21 -13.43 23.20 -36.03
C THR H 21 -14.67 22.35 -36.21
N THR H 22 -15.79 22.97 -36.52
CA THR H 22 -17.02 22.23 -36.73
C THR H 22 -17.86 22.93 -37.79
N LYS H 23 -18.99 22.33 -38.13
CA LYS H 23 -19.82 22.81 -39.21
C LYS H 23 -21.21 23.01 -38.64
N GLY H 24 -21.85 24.12 -38.95
CA GLY H 24 -23.22 24.37 -38.50
C GLY H 24 -24.13 24.72 -39.64
N LYS H 25 -25.43 24.58 -39.40
CA LYS H 25 -26.43 25.01 -40.38
C LYS H 25 -26.68 26.49 -40.23
N VAL H 26 -26.83 27.18 -41.35
CA VAL H 26 -27.28 28.57 -41.33
C VAL H 26 -28.64 28.64 -40.63
N GLY H 27 -28.81 29.60 -39.73
CA GLY H 27 -30.05 29.71 -38.95
C GLY H 27 -29.98 29.06 -37.56
N ASP H 28 -29.01 28.17 -37.33
CA ASP H 28 -28.80 27.56 -36.01
C ASP H 28 -28.13 28.56 -35.06
N SER H 29 -28.42 28.47 -33.75
CA SER H 29 -27.73 29.27 -32.75
C SER H 29 -26.37 28.63 -32.47
N LEU H 30 -25.43 29.42 -31.98
CA LEU H 30 -24.12 28.86 -31.64
C LEU H 30 -24.23 27.80 -30.54
N LEU H 31 -25.22 27.95 -29.66
CA LEU H 31 -25.48 26.91 -28.65
C LEU H 31 -25.83 25.61 -29.37
N ASP H 32 -26.79 25.70 -30.29
CA ASP H 32 -27.21 24.55 -31.08
C ASP H 32 -26.00 23.87 -31.67
N VAL H 33 -25.04 24.66 -32.14
CA VAL H 33 -23.83 24.11 -32.77
C VAL H 33 -23.02 23.30 -31.77
N VAL H 34 -22.79 23.88 -30.62
CA VAL H 34 -22.03 23.22 -29.57
C VAL H 34 -22.70 21.92 -29.16
N VAL H 35 -24.02 21.95 -29.00
CA VAL H 35 -24.77 20.78 -28.52
C VAL H 35 -24.95 19.73 -29.61
N GLU H 36 -25.43 20.14 -30.79
CA GLU H 36 -25.72 19.20 -31.88
C GLU H 36 -24.45 18.48 -32.34
N ASN H 37 -23.29 19.11 -32.15
CA ASN H 37 -22.00 18.48 -32.52
C ASN H 37 -21.18 17.94 -31.35
N ASN H 38 -21.76 17.95 -30.14
CA ASN H 38 -21.18 17.30 -28.95
C ASN H 38 -19.72 17.70 -28.76
N LEU H 39 -19.49 19.02 -28.71
CA LEU H 39 -18.15 19.59 -28.55
C LEU H 39 -17.70 19.53 -27.11
N ASP H 40 -16.38 19.49 -26.92
CA ASP H 40 -15.79 19.28 -25.60
C ASP H 40 -15.75 20.56 -24.74
N ILE H 41 -16.90 21.19 -24.51
CA ILE H 41 -16.97 22.42 -23.70
C ILE H 41 -17.84 22.24 -22.46
N ASP H 42 -17.20 22.19 -21.30
CA ASP H 42 -17.89 21.86 -20.06
C ASP H 42 -18.71 23.04 -19.55
N GLY H 43 -19.95 22.79 -19.13
CA GLY H 43 -20.77 23.83 -18.49
C GLY H 43 -21.53 24.77 -19.42
N PHE H 44 -21.25 24.71 -20.72
CA PHE H 44 -21.77 25.65 -21.69
C PHE H 44 -23.26 25.43 -21.98
N GLY H 45 -24.07 26.45 -21.74
CA GLY H 45 -25.48 26.38 -22.07
C GLY H 45 -26.35 25.73 -21.01
N ALA H 46 -26.09 26.03 -19.75
CA ALA H 46 -26.87 25.47 -18.65
C ALA H 46 -28.38 25.71 -18.77
N CYS H 47 -28.81 26.91 -19.13
CA CYS H 47 -30.26 27.21 -19.21
C CYS H 47 -30.93 26.70 -20.47
N GLU H 48 -30.16 26.01 -21.32
CA GLU H 48 -30.64 25.48 -22.58
C GLU H 48 -31.25 26.57 -23.48
N GLY H 49 -30.63 27.74 -23.47
CA GLY H 49 -30.97 28.81 -24.40
C GLY H 49 -32.27 29.55 -24.10
N THR H 50 -32.62 29.64 -22.82
CA THR H 50 -33.80 30.40 -22.39
C THR H 50 -33.47 31.75 -21.75
N LEU H 51 -32.27 32.27 -22.02
CA LEU H 51 -31.81 33.56 -21.48
C LEU H 51 -31.93 33.65 -19.97
N ALA H 52 -31.45 32.63 -19.29
CA ALA H 52 -31.51 32.58 -17.83
C ALA H 52 -30.18 32.22 -17.18
N CYS H 53 -29.12 32.03 -17.96
CA CYS H 53 -27.76 31.86 -17.42
C CYS H 53 -26.81 32.80 -18.13
N SER H 54 -25.52 32.71 -17.85
CA SER H 54 -24.55 33.45 -18.65
C SER H 54 -23.49 32.49 -19.21
N THR H 55 -23.83 31.21 -19.31
CA THR H 55 -22.83 30.19 -19.58
C THR H 55 -22.56 29.99 -21.07
N CYS H 56 -23.46 30.48 -21.91
CA CYS H 56 -23.23 30.50 -23.37
C CYS H 56 -22.39 31.69 -23.86
N HIS H 57 -21.79 32.42 -22.93
CA HIS H 57 -20.92 33.55 -23.23
C HIS H 57 -19.89 33.15 -24.27
N LEU H 58 -19.78 33.96 -25.33
CA LEU H 58 -18.73 33.81 -26.34
C LEU H 58 -18.13 35.16 -26.73
N ILE H 59 -16.89 35.15 -27.20
CA ILE H 59 -16.22 36.35 -27.66
C ILE H 59 -16.03 36.26 -29.17
N PHE H 60 -16.36 37.33 -29.89
CA PHE H 60 -16.43 37.34 -31.32
C PHE H 60 -15.38 38.22 -31.98
N GLU H 61 -15.08 37.89 -33.24
CA GLU H 61 -14.19 38.71 -34.04
C GLU H 61 -14.81 40.09 -34.31
N ASP H 62 -13.96 41.09 -34.38
CA ASP H 62 -14.39 42.45 -34.63
C ASP H 62 -15.48 42.55 -35.70
N HIS H 63 -15.16 42.12 -36.90
CA HIS H 63 -16.04 42.36 -38.05
C HIS H 63 -17.33 41.56 -38.02
N ILE H 64 -17.35 40.47 -37.27
CA ILE H 64 -18.57 39.70 -37.03
C ILE H 64 -19.45 40.39 -35.98
N TYR H 65 -18.83 40.79 -34.87
CA TYR H 65 -19.53 41.43 -33.76
C TYR H 65 -20.32 42.63 -34.26
N GLU H 66 -19.64 43.46 -35.04
CA GLU H 66 -20.22 44.68 -35.61
C GLU H 66 -21.56 44.45 -36.33
N LYS H 67 -21.74 43.25 -36.89
CA LYS H 67 -22.88 42.95 -37.73
C LYS H 67 -24.00 42.16 -37.04
N LEU H 68 -23.82 41.85 -35.77
CA LEU H 68 -24.77 41.01 -35.06
C LEU H 68 -26.05 41.76 -34.78
N ASP H 69 -27.15 41.04 -34.63
CA ASP H 69 -28.44 41.69 -34.37
C ASP H 69 -28.32 42.52 -33.09
N ALA H 70 -28.95 43.68 -33.09
CA ALA H 70 -28.96 44.54 -31.91
C ALA H 70 -29.34 43.73 -30.66
N ILE H 71 -28.63 43.95 -29.57
CA ILE H 71 -28.83 43.17 -28.35
C ILE H 71 -30.12 43.56 -27.64
N THR H 72 -30.97 42.58 -27.29
CA THR H 72 -32.22 42.89 -26.58
C THR H 72 -31.96 43.19 -25.13
N ASP H 73 -32.92 43.80 -24.48
CA ASP H 73 -32.82 44.07 -23.05
C ASP H 73 -32.65 42.77 -22.28
N GLU H 74 -33.46 41.79 -22.63
CA GLU H 74 -33.38 40.46 -22.03
C GLU H 74 -31.96 39.91 -22.08
N GLU H 75 -31.37 39.86 -23.27
CA GLU H 75 -30.01 39.35 -23.38
C GLU H 75 -29.08 40.18 -22.51
N ASN H 76 -29.24 41.48 -22.55
CA ASN H 76 -28.30 42.34 -21.87
C ASN H 76 -28.28 42.11 -20.37
N ASP H 77 -29.45 41.85 -19.80
CA ASP H 77 -29.56 41.52 -18.39
C ASP H 77 -28.66 40.35 -18.01
N MET H 78 -28.71 39.28 -18.81
CA MET H 78 -27.93 38.08 -18.52
C MET H 78 -26.48 38.30 -18.90
N LEU H 79 -26.25 39.09 -19.94
CA LEU H 79 -24.88 39.32 -20.38
C LEU H 79 -24.10 40.15 -19.37
N ASP H 80 -24.81 40.99 -18.61
CA ASP H 80 -24.16 41.75 -17.54
C ASP H 80 -23.54 40.82 -16.52
N LEU H 81 -24.17 39.67 -16.32
CA LEU H 81 -23.70 38.70 -15.33
C LEU H 81 -22.65 37.73 -15.86
N ALA H 82 -22.24 37.89 -17.12
CA ALA H 82 -21.18 37.04 -17.66
C ALA H 82 -19.88 37.33 -16.96
N TYR H 83 -19.16 36.29 -16.55
CA TYR H 83 -17.85 36.50 -15.96
C TYR H 83 -16.82 36.82 -17.04
N GLY H 84 -16.06 37.89 -16.81
CA GLY H 84 -15.06 38.39 -17.76
C GLY H 84 -15.68 39.00 -18.99
N LEU H 85 -16.78 39.73 -18.82
CA LEU H 85 -17.48 40.42 -19.93
C LEU H 85 -16.56 41.34 -20.70
N THR H 86 -16.62 41.25 -22.03
CA THR H 86 -15.76 42.04 -22.92
C THR H 86 -16.60 42.88 -23.84
N ASP H 87 -15.95 43.78 -24.53
CA ASP H 87 -16.62 44.58 -25.56
C ASP H 87 -16.81 43.83 -26.89
N ARG H 88 -16.58 42.53 -26.89
CA ARG H 88 -16.91 41.68 -28.04
C ARG H 88 -17.75 40.47 -27.58
N SER H 89 -18.31 40.56 -26.39
CA SER H 89 -19.06 39.47 -25.83
C SER H 89 -20.50 39.46 -26.28
N ARG H 90 -21.03 38.27 -26.52
CA ARG H 90 -22.46 38.06 -26.65
C ARG H 90 -22.80 36.70 -26.11
N LEU H 91 -24.08 36.44 -25.93
CA LEU H 91 -24.54 35.16 -25.44
C LEU H 91 -24.77 34.30 -26.65
N GLY H 92 -23.94 33.28 -26.81
CA GLY H 92 -23.89 32.50 -28.04
C GLY H 92 -25.23 31.89 -28.46
N CYS H 93 -26.12 31.84 -27.51
CA CYS H 93 -27.37 31.18 -27.75
C CYS H 93 -28.42 32.12 -28.32
N GLN H 94 -28.12 33.40 -28.35
CA GLN H 94 -28.95 34.35 -29.07
C GLN H 94 -28.41 34.68 -30.47
N ILE H 95 -27.19 34.22 -30.77
CA ILE H 95 -26.52 34.53 -32.01
C ILE H 95 -26.69 33.41 -33.01
N CYS H 96 -27.38 33.71 -34.11
CA CYS H 96 -27.66 32.75 -35.16
C CYS H 96 -26.70 32.84 -36.35
N LEU H 97 -26.32 31.68 -36.89
CA LEU H 97 -25.37 31.63 -37.98
C LEU H 97 -25.92 32.25 -39.26
N THR H 98 -25.14 33.15 -39.85
CA THR H 98 -25.45 33.68 -41.16
C THR H 98 -24.36 33.26 -42.12
N LYS H 99 -24.67 33.28 -43.41
CA LYS H 99 -23.73 32.87 -44.46
C LYS H 99 -22.39 33.62 -44.36
N SER H 100 -22.42 34.87 -43.90
CA SER H 100 -21.19 35.66 -43.82
C SER H 100 -20.29 35.26 -42.65
N MET H 101 -20.76 34.34 -41.79
CA MET H 101 -19.97 33.88 -40.64
C MET H 101 -19.01 32.71 -40.96
N ASP H 102 -19.05 32.21 -42.19
CA ASP H 102 -18.21 31.07 -42.54
C ASP H 102 -16.74 31.29 -42.17
N ASN H 103 -16.13 30.32 -41.50
CA ASN H 103 -14.74 30.39 -41.03
C ASN H 103 -14.42 31.45 -39.97
N MET H 104 -15.45 31.95 -39.29
CA MET H 104 -15.21 32.80 -38.14
C MET H 104 -14.66 31.99 -36.98
N THR H 105 -13.98 32.67 -36.08
CA THR H 105 -13.48 32.08 -34.83
C THR H 105 -14.15 32.78 -33.68
N VAL H 106 -14.71 32.01 -32.76
CA VAL H 106 -15.22 32.55 -31.50
C VAL H 106 -14.40 31.93 -30.41
N ARG H 107 -14.21 32.66 -29.31
CA ARG H 107 -13.50 32.11 -28.16
C ARG H 107 -14.41 31.90 -26.96
N VAL H 108 -14.26 30.75 -26.30
CA VAL H 108 -14.96 30.45 -25.06
C VAL H 108 -14.08 31.00 -23.94
N PRO H 109 -14.60 32.01 -23.24
CA PRO H 109 -13.86 32.63 -22.15
C PRO H 109 -13.91 31.79 -20.88
N GLU H 110 -12.93 32.01 -20.00
CA GLU H 110 -12.85 31.26 -18.74
C GLU H 110 -14.03 31.61 -17.84
N THR H 111 -14.41 30.65 -16.99
CA THR H 111 -15.48 30.86 -16.04
C THR H 111 -14.92 31.40 -14.75
N VAL H 112 -15.81 31.85 -13.88
CA VAL H 112 -15.43 32.31 -12.57
C VAL H 112 -14.72 31.18 -11.84
N ALA H 113 -15.18 29.95 -12.05
CA ALA H 113 -14.58 28.82 -11.37
C ALA H 113 -13.19 28.52 -11.89
N ASP H 114 -12.94 28.63 -13.19
CA ASP H 114 -11.57 28.46 -13.66
C ASP H 114 -10.66 29.51 -13.05
N ALA H 115 -11.14 30.72 -12.90
CA ALA H 115 -10.34 31.83 -12.40
C ALA H 115 -10.03 31.64 -10.93
N ARG H 116 -11.03 31.15 -10.20
CA ARG H 116 -11.00 31.12 -8.75
C ARG H 116 -9.79 30.38 -8.20
N GLN H 117 -9.19 30.93 -7.15
CA GLN H 117 -8.05 30.31 -6.47
C GLN H 117 -8.39 29.81 -5.07
N SER H 118 -9.44 30.36 -4.47
CA SER H 118 -9.94 29.93 -3.19
C SER H 118 -11.40 30.35 -3.01
N ILE H 119 -12.12 29.56 -2.23
CA ILE H 119 -13.48 29.88 -1.85
C ILE H 119 -13.28 30.84 -0.67
N ASP H 120 -14.13 31.86 -0.61
CA ASP H 120 -14.02 32.86 0.43
C ASP H 120 -14.65 32.38 1.73
N VAL H 121 -14.19 32.97 2.83
CA VAL H 121 -14.86 32.82 4.11
C VAL H 121 -16.23 33.48 4.06
N GLY H 122 -17.32 32.74 4.21
CA GLY H 122 -18.65 33.33 4.21
C GLY H 122 -18.98 33.94 5.55
N LYS H 123 -19.50 35.16 5.60
CA LYS H 123 -20.00 35.73 6.89
C LYS H 123 -21.33 36.45 6.75
N THR H 124 -22.21 36.28 7.74
CA THR H 124 -23.45 37.01 7.74
C THR H 124 -23.23 38.49 8.18
N SER H 125 -22.29 38.68 9.10
CA SER H 125 -22.09 39.98 9.73
C SER H 125 -20.70 40.11 10.40
N ALA H 126 -20.42 41.27 10.97
CA ALA H 126 -19.23 41.47 11.78
C ALA H 126 -19.63 41.38 13.25
N GLU H 127 -19.01 42.18 14.11
CA GLU H 127 -19.39 42.23 15.52
C GLU H 127 -20.90 42.14 15.74
N ASN H 128 -21.66 42.90 14.97
CA ASN H 128 -23.09 42.98 15.17
C ASN H 128 -23.90 42.94 13.89
N LEU H 129 -25.15 42.55 14.03
CA LEU H 129 -26.11 42.50 12.94
C LEU H 129 -27.31 43.28 13.45
N TYR H 130 -27.89 44.15 12.62
CA TYR H 130 -29.00 45.01 13.04
C TYR H 130 -30.35 44.60 12.42
N PHE H 131 -31.36 44.42 13.26
CA PHE H 131 -32.69 44.01 12.80
C PHE H 131 -33.74 45.04 13.19
N GLN H 132 -34.95 44.85 12.69
CA GLN H 132 -36.09 45.69 13.09
C GLN H 132 -36.44 45.76 14.61
FE1 FES I . 39.21 -17.35 8.43
FE2 FES I . 40.47 -17.98 11.01
S1 FES I . 39.35 -16.24 10.32
S2 FES I . 40.66 -18.87 9.06
CAC FLC J . 19.93 -20.99 8.90
CA FLC J . 19.20 -22.01 9.75
CB FLC J . 18.01 -21.38 10.50
CBC FLC J . 18.48 -20.06 11.05
CG FLC J . 17.51 -22.29 11.65
CGC FLC J . 16.40 -21.69 12.52
OA1 FLC J . 20.62 -20.15 9.45
OA2 FLC J . 19.83 -21.00 7.67
OB1 FLC J . 19.46 -20.13 11.83
OB2 FLC J . 17.87 -19.00 10.71
OG1 FLC J . 16.68 -20.62 13.15
OG2 FLC J . 15.27 -22.29 12.58
OHB FLC J . 16.91 -21.05 9.62
K K K . 15.51 -22.36 8.36
FE1 FES L . -31.56 29.61 -10.98
FE2 FES L . -31.73 28.86 -8.18
S1 FES L . -30.36 28.23 -9.81
S2 FES L . -32.99 30.14 -9.37
CAC FLC M . -14.04 37.39 -6.22
CA FLC M . -13.64 36.66 -7.49
CB FLC M . -12.89 35.35 -7.23
CBC FLC M . -11.57 35.41 -8.02
CG FLC M . -13.71 34.09 -7.57
CGC FLC M . -15.13 34.12 -7.04
OA1 FLC M . -14.33 36.78 -5.15
OA2 FLC M . -14.05 38.65 -6.29
OB1 FLC M . -11.57 35.22 -9.26
OB2 FLC M . -10.49 35.67 -7.41
OG1 FLC M . -15.76 33.08 -6.75
OG2 FLC M . -15.69 35.20 -6.93
OHB FLC M . -12.56 35.28 -5.83
K K N . -11.77 34.03 -3.66
FE1 FES O . -9.28 -29.66 -7.89
FE2 FES O . -8.20 -27.65 -6.13
S1 FES O . -7.54 -29.71 -6.53
S2 FES O . -9.99 -27.68 -7.36
CAC FLC P . 2.81 -30.30 -23.61
CA FLC P . 4.19 -30.50 -23.01
CB FLC P . 5.30 -30.70 -24.07
CBC FLC P . 5.69 -29.33 -24.61
CG FLC P . 6.55 -31.47 -23.53
CGC FLC P . 7.11 -32.58 -24.46
OA1 FLC P . 1.86 -31.03 -23.36
OA2 FLC P . 2.65 -29.34 -24.36
OB1 FLC P . 6.74 -28.74 -24.23
OB2 FLC P . 4.93 -28.81 -25.49
OG1 FLC P . 7.32 -32.31 -25.70
OG2 FLC P . 7.35 -33.73 -23.98
OHB FLC P . 4.78 -31.46 -25.20
CAC FLC Q . 6.82 -27.48 -15.28
CA FLC Q . 7.30 -28.34 -16.43
CB FLC Q . 8.50 -27.70 -17.15
CBC FLC Q . 9.11 -28.69 -18.17
CG FLC Q . 8.12 -26.40 -17.92
CGC FLC Q . 8.67 -25.13 -17.29
OA1 FLC Q . 6.47 -27.98 -14.19
OA2 FLC Q . 6.78 -26.27 -15.47
OB1 FLC Q . 8.36 -29.23 -19.03
OB2 FLC Q . 10.35 -28.92 -18.13
OG1 FLC Q . 7.89 -24.20 -17.00
OG2 FLC Q . 9.92 -25.07 -17.07
OHB FLC Q . 9.49 -27.42 -16.13
K K R . 4.22 -30.34 -27.72
FE1 FES S . 0.94 23.45 21.78
FE2 FES S . -0.45 25.80 20.53
S1 FES S . 0.69 24.08 19.69
S2 FES S . 0.05 25.27 22.62
CAC FLC T . -10.77 7.89 20.35
CA FLC T . -12.20 7.51 20.50
CB FLC T . -12.73 6.85 19.19
CBC FLC T . -13.23 7.99 18.36
CG FLC T . -11.64 6.00 18.45
CGC FLC T . -11.96 4.67 17.73
OA1 FLC T . -9.89 7.49 21.14
OA2 FLC T . -10.56 8.62 19.37
OB1 FLC T . -12.69 8.15 17.23
OB2 FLC T . -14.15 8.73 18.83
OG1 FLC T . -12.81 3.83 18.15
OG2 FLC T . -11.29 4.42 16.67
OHB FLC T . -13.91 6.12 19.53
CAC FLC U . -11.54 36.31 34.98
CA FLC U . -12.35 35.14 34.48
CB FLC U . -13.11 34.35 35.56
CBC FLC U . -12.19 33.31 36.26
CG FLC U . -14.29 33.61 34.87
CGC FLC U . -15.54 34.46 34.63
OA1 FLC U . -10.34 36.11 35.30
OA2 FLC U . -12.09 37.45 35.03
OB1 FLC U . -10.93 33.41 36.20
OB2 FLC U . -12.73 32.38 36.90
OG1 FLC U . -15.46 35.61 34.13
OG2 FLC U . -16.64 33.95 34.94
OHB FLC U . -13.64 35.25 36.55
K K V . -13.29 4.15 21.35
FE1 FES W . 5.38 14.26 22.36
FE2 FES W . 6.05 11.50 23.18
S1 FES W . 4.47 12.98 23.85
S2 FES W . 6.97 12.84 21.73
CAC FLC X . -13.59 11.61 11.70
CA FLC X . -12.93 12.30 12.91
CB FLC X . -13.69 13.52 13.48
CBC FLC X . -14.98 13.17 14.21
CG FLC X . -12.78 14.41 14.33
CGC FLC X . -11.80 15.20 13.48
OA1 FLC X . -13.33 10.38 11.49
OA2 FLC X . -14.36 12.27 10.93
OB1 FLC X . -16.00 12.84 13.53
OB2 FLC X . -15.03 13.26 15.45
OG1 FLC X . -10.87 15.81 14.01
OG2 FLC X . -11.92 15.25 12.26
OHB FLC X . -14.08 14.24 12.35
K K Y . -15.28 16.24 10.86
FE1 FES Z . -9.82 -37.97 -13.97
FE2 FES Z . -10.08 -39.86 -16.15
S1 FES Z . -10.35 -37.73 -16.08
S2 FES Z . -9.83 -40.11 -14.03
K K AA . 10.29 -26.06 -13.89
C1 GOL BA . -1.09 -30.94 -16.27
O1 GOL BA . -2.25 -30.11 -16.17
C2 GOL BA . -0.83 -31.73 -14.99
O2 GOL BA . 0.41 -32.41 -15.08
C3 GOL BA . -2.02 -32.62 -14.57
O3 GOL BA . -1.80 -34.03 -14.72
FE1 FES CA . 33.39 -12.74 1.40
FE2 FES CA . 31.45 -12.12 -0.66
S1 FES CA . 32.13 -13.98 0.15
S2 FES CA . 32.79 -10.88 0.47
CAC FLC DA . 24.06 -18.93 17.75
CA FLC DA . 22.70 -18.48 17.20
CB FLC DA . 21.49 -19.09 17.94
CBC FLC DA . 20.14 -18.63 17.36
CG FLC DA . 21.44 -20.65 17.86
CGC FLC DA . 21.56 -21.31 19.21
OA1 FLC DA . 25.01 -18.14 17.89
OA2 FLC DA . 24.19 -20.13 18.02
OB1 FLC DA . 20.04 -18.39 16.13
OB2 FLC DA . 19.15 -18.57 18.15
OG1 FLC DA . 22.71 -21.68 19.59
OG2 FLC DA . 20.50 -21.44 19.89
OHB FLC DA . 21.54 -18.62 19.30
K K EA . 23.18 -18.76 21.85
C1 GOL FA . 27.84 -18.08 9.96
O1 GOL FA . 28.76 -18.96 9.34
C2 GOL FA . 28.41 -16.68 10.14
O2 GOL FA . 27.52 -15.98 11.00
C3 GOL FA . 28.67 -15.96 8.80
O3 GOL FA . 28.82 -14.54 8.84
FE1 FES GA . -28.49 30.23 -20.80
FE2 FES GA . -27.58 31.27 -23.47
S1 FES GA . -28.58 32.22 -21.72
S2 FES GA . -27.81 29.23 -22.67
CAC FLC HA . -15.60 40.64 -14.58
CA FLC HA . -14.56 39.71 -13.95
CB FLC HA . -13.20 40.37 -13.68
CBC FLC HA . -13.32 41.41 -12.58
CG FLC HA . -12.12 39.34 -13.27
CGC FLC HA . -10.66 39.85 -13.25
OA1 FLC HA . -15.45 41.87 -14.46
OA2 FLC HA . -16.57 40.17 -15.20
OB1 FLC HA . -13.65 41.04 -11.41
OB2 FLC HA . -13.09 42.61 -12.90
OG1 FLC HA . -9.82 39.21 -13.96
OG2 FLC HA . -10.32 40.86 -12.57
OHB FLC HA . -12.81 41.03 -14.89
K K IA . -13.22 43.81 -16.10
#